data_1XJJ
#
_entry.id   1XJJ
#
_cell.length_a   118.070
_cell.length_b   123.880
_cell.length_c   106.300
_cell.angle_alpha   90.00
_cell.angle_beta   103.70
_cell.angle_gamma   90.00
#
_symmetry.space_group_name_H-M   'C 1 2 1'
#
loop_
_entity.id
_entity.type
_entity.pdbx_description
1 polymer 'ribonucleotide reductase, B12-dependent'
2 non-polymer 'MAGNESIUM ION'
3 non-polymer "2'-DEOXYGUANOSINE-5'-TRIPHOSPHATE"
4 water water
#
_entity_poly.entity_id   1
_entity_poly.type   'polypeptide(L)'
_entity_poly.pdbx_seq_one_letter_code
;MKLSDLISRWIDVEPSKNAQIILRDRYFMKDLDGNYLETKWEDVARRVARVVATAELLNPSYKKNEKLDRIKEWEDIFFR
VLKARLFIPNSPTLFNAGLGVKHDLLWKPIDQMTLEDYEEIYRSRNHLHMLSACFVVPVGDSIEEIFEAVKEYALITKVG
GGVGSNFSELRPKGSFVAGTHGKASGPVSFMHVFNSAISVVKQGSRRRGALMGILNINHPDIEEFIDAKKENTGEAVLNF
FNLSVGFPMDKKEILKLYEEDGELELSHPRSTIRKKVKIRELFRKIATNAWKSGDPGLAFLGEMNKYYPLYPHRKINSTN
PCGEIGLSDYEACNLGSIDVAKFYNNGFVDLEALQELVQIAVRFLDNVIDVNVFPIDKITKAVKESRRLGLGIMGFADLL
YKLEIPYNSQEARDFAANLMAFIALHAHRTSYELGKEKGNFPLLEISRYRTEDNFVPFAMGMSNYDDEIREVMKMTKEFR
RNVALLTIAPTGSISNIADTSSGLEPNFLLAYTRFVTKEDGTKEPLLYVNQVLREKLNPEILKRIEKELIEKGSLKDIPD
VPEKIKKVFVVALDIDPMDHLLMQDAFQRYVDNNISKTINMPQSATVDDVLNVYLEALRTNVRGITVYRDGSLQTQVLTK
ALKT
;
_entity_poly.pdbx_strand_id   A,B
#
# COMPACT_ATOMS: atom_id res chain seq x y z
N MET A 1 -21.32 19.70 46.06
CA MET A 1 -19.95 19.42 46.57
C MET A 1 -18.95 20.08 45.60
N LYS A 2 -17.84 20.56 46.15
CA LYS A 2 -16.79 21.17 45.32
C LYS A 2 -16.00 20.02 44.72
N LEU A 3 -15.42 20.24 43.53
CA LEU A 3 -14.67 19.15 42.85
C LEU A 3 -13.51 18.63 43.72
N SER A 4 -12.84 19.56 44.41
CA SER A 4 -11.76 19.19 45.33
C SER A 4 -12.22 18.13 46.34
N ASP A 5 -13.41 18.32 46.91
CA ASP A 5 -13.93 17.34 47.87
C ASP A 5 -14.23 16.00 47.19
N LEU A 6 -14.74 16.06 45.97
CA LEU A 6 -14.94 14.82 45.21
C LEU A 6 -13.63 14.07 44.84
N ILE A 7 -12.62 14.83 44.44
CA ILE A 7 -11.29 14.31 44.12
C ILE A 7 -10.72 13.54 45.31
N SER A 8 -10.79 14.15 46.50
CA SER A 8 -10.25 13.50 47.71
C SER A 8 -10.95 12.16 48.04
N ARG A 9 -12.23 12.04 47.69
CA ARG A 9 -12.89 10.74 47.84
C ARG A 9 -12.41 9.64 46.89
N TRP A 10 -11.73 10.03 45.81
CA TRP A 10 -11.38 9.05 44.76
C TRP A 10 -9.89 8.87 44.54
N ILE A 11 -9.12 9.89 44.92
CA ILE A 11 -7.71 9.93 44.59
C ILE A 11 -6.89 8.75 45.13
N ASP A 12 -7.32 8.17 46.24
CA ASP A 12 -6.59 7.07 46.85
C ASP A 12 -7.22 5.71 46.60
N VAL A 13 -8.25 5.67 45.76
CA VAL A 13 -8.86 4.37 45.38
C VAL A 13 -8.10 3.83 44.16
N GLU A 14 -7.36 2.74 44.33
CA GLU A 14 -6.54 2.26 43.23
C GLU A 14 -7.44 1.48 42.28
N PRO A 15 -7.05 1.37 40.98
CA PRO A 15 -7.81 0.51 40.05
C PRO A 15 -7.93 -0.93 40.54
N SER A 16 -9.01 -1.59 40.15
CA SER A 16 -9.20 -3.02 40.39
C SER A 16 -8.04 -3.81 39.80
N LYS A 17 -7.84 -5.04 40.27
CA LYS A 17 -6.82 -5.89 39.70
C LYS A 17 -7.04 -6.06 38.19
N ASN A 18 -8.31 -5.98 37.78
CA ASN A 18 -8.66 -6.16 36.38
C ASN A 18 -8.06 -5.03 35.54
N ALA A 19 -8.26 -3.81 36.01
CA ALA A 19 -7.71 -2.60 35.37
C ALA A 19 -6.21 -2.70 35.27
N GLN A 20 -5.58 -3.13 36.35
CA GLN A 20 -4.12 -3.09 36.47
C GLN A 20 -3.45 -4.00 35.45
N ILE A 21 -4.11 -5.13 35.15
CA ILE A 21 -3.66 -6.03 34.12
C ILE A 21 -3.64 -5.32 32.76
N ILE A 22 -4.73 -4.60 32.45
CA ILE A 22 -4.88 -3.81 31.22
C ILE A 22 -3.76 -2.78 31.15
N LEU A 23 -3.53 -2.10 32.25
CA LEU A 23 -2.49 -1.08 32.31
C LEU A 23 -1.10 -1.68 32.07
N ARG A 24 -0.76 -2.71 32.84
CA ARG A 24 0.55 -3.36 32.65
C ARG A 24 0.64 -3.84 31.24
N ASP A 25 -0.49 -4.33 30.72
CA ASP A 25 -0.50 -4.98 29.43
C ASP A 25 -0.11 -4.02 28.35
N ARG A 26 -0.72 -2.82 28.35
CA ARG A 26 -0.50 -1.93 27.23
C ARG A 26 -0.30 -0.44 27.50
N TYR A 27 -0.57 0.03 28.72
CA TYR A 27 -0.48 1.48 29.04
C TYR A 27 0.82 1.90 29.67
N PHE A 28 1.32 1.10 30.62
CA PHE A 28 2.56 1.47 31.29
C PHE A 28 3.69 1.46 30.30
N MET A 29 4.47 2.53 30.35
CA MET A 29 5.60 2.79 29.48
C MET A 29 6.79 1.90 29.81
N LYS A 30 7.46 1.43 28.75
CA LYS A 30 8.65 0.59 28.83
C LYS A 30 9.83 1.25 28.11
N ASP A 31 11.05 0.85 28.50
CA ASP A 31 12.27 1.38 27.88
C ASP A 31 12.69 0.45 26.74
N LEU A 32 13.72 0.86 25.99
CA LEU A 32 14.20 0.13 24.81
C LEU A 32 14.44 -1.35 25.11
N ASP A 33 14.73 -1.65 26.38
CA ASP A 33 15.03 -3.02 26.85
C ASP A 33 13.77 -3.88 27.09
N GLY A 34 12.64 -3.22 27.33
CA GLY A 34 11.39 -3.93 27.68
C GLY A 34 11.10 -3.81 29.17
N ASN A 35 11.92 -2.99 29.84
CA ASN A 35 11.79 -2.73 31.27
C ASN A 35 10.67 -1.70 31.48
N TYR A 36 9.91 -1.83 32.59
CA TYR A 36 8.83 -0.91 32.96
C TYR A 36 9.33 0.41 33.52
N LEU A 37 8.93 1.50 32.89
CA LEU A 37 9.22 2.84 33.41
C LEU A 37 8.08 3.37 34.29
N GLU A 38 6.95 2.65 34.29
CA GLU A 38 5.73 3.01 35.04
C GLU A 38 5.20 1.72 35.59
N THR A 39 4.71 1.74 36.83
CA THR A 39 4.19 0.47 37.40
C THR A 39 2.85 0.64 38.10
N LYS A 40 2.37 1.88 38.17
CA LYS A 40 1.13 2.25 38.83
C LYS A 40 0.42 3.28 37.96
N TRP A 41 -0.91 3.27 38.02
CA TRP A 41 -1.74 4.27 37.31
C TRP A 41 -1.25 5.69 37.59
N GLU A 42 -0.84 5.94 38.84
CA GLU A 42 -0.34 7.25 39.28
C GLU A 42 0.79 7.77 38.37
N ASP A 43 1.65 6.85 37.92
CA ASP A 43 2.77 7.15 37.03
C ASP A 43 2.26 7.64 35.68
N VAL A 44 1.24 6.97 35.16
CA VAL A 44 0.62 7.37 33.90
C VAL A 44 -0.02 8.73 34.03
N ALA A 45 -0.75 8.95 35.14
CA ALA A 45 -1.37 10.26 35.36
C ALA A 45 -0.34 11.39 35.53
N ARG A 46 0.80 11.13 36.18
CA ARG A 46 1.87 12.18 36.24
C ARG A 46 2.35 12.56 34.85
N ARG A 47 2.76 11.55 34.08
CA ARG A 47 3.31 11.76 32.74
C ARG A 47 2.35 12.59 31.90
N VAL A 48 1.08 12.17 31.88
CA VAL A 48 0.09 12.78 31.00
C VAL A 48 -0.27 14.18 31.42
N ALA A 49 -0.51 14.36 32.72
CA ALA A 49 -0.79 15.66 33.31
C ALA A 49 0.34 16.65 32.99
N ARG A 50 1.58 16.23 33.24
CA ARG A 50 2.79 17.00 32.93
C ARG A 50 2.89 17.41 31.46
N VAL A 51 2.70 16.44 30.56
CA VAL A 51 2.82 16.72 29.11
C VAL A 51 1.71 17.66 28.61
N VAL A 52 0.49 17.51 29.14
CA VAL A 52 -0.58 18.29 28.57
C VAL A 52 -0.53 19.68 29.23
N ALA A 53 -0.08 19.76 30.50
CA ALA A 53 0.08 21.09 31.11
C ALA A 53 1.13 21.98 30.40
N THR A 54 2.14 21.35 29.79
CA THR A 54 3.21 22.00 28.99
C THR A 54 2.63 22.95 27.92
N ALA A 55 1.49 22.58 27.33
CA ALA A 55 0.80 23.47 26.40
C ALA A 55 0.54 24.90 26.89
N GLU A 56 0.53 25.10 28.21
CA GLU A 56 0.33 26.46 28.78
C GLU A 56 1.51 27.45 28.53
N LEU A 57 2.69 26.90 28.21
CA LEU A 57 3.81 27.68 27.65
C LEU A 57 3.39 28.64 26.56
N LEU A 58 2.32 28.28 25.86
CA LEU A 58 1.96 28.96 24.67
C LEU A 58 0.82 29.91 24.91
N ASN A 59 0.36 29.96 26.16
CA ASN A 59 -0.80 30.79 26.50
C ASN A 59 -0.39 32.26 26.49
N PRO A 60 -0.95 33.04 25.54
CA PRO A 60 -0.60 34.45 25.37
C PRO A 60 -1.14 35.39 26.46
N SER A 61 -1.70 34.82 27.53
CA SER A 61 -2.32 35.60 28.58
C SER A 61 -1.53 35.50 29.87
N TYR A 62 -0.50 34.66 29.85
CA TYR A 62 0.43 34.56 30.96
C TYR A 62 1.65 35.43 30.66
N LYS A 63 1.96 36.31 31.61
CA LYS A 63 3.17 37.13 31.52
C LYS A 63 4.27 36.20 31.99
N LYS A 64 5.50 36.42 31.52
CA LYS A 64 6.62 35.50 31.76
C LYS A 64 6.85 35.12 33.24
N ASN A 65 6.68 36.08 34.15
CA ASN A 65 6.84 35.80 35.58
C ASN A 65 5.71 34.93 36.17
N GLU A 66 4.57 34.89 35.47
CA GLU A 66 3.38 34.08 35.80
C GLU A 66 3.53 32.58 35.40
N LYS A 67 4.15 32.35 34.24
CA LYS A 67 4.10 31.06 33.56
C LYS A 67 4.39 29.81 34.35
N LEU A 68 5.49 29.77 35.09
CA LEU A 68 5.85 28.53 35.76
C LEU A 68 4.84 28.14 36.85
N ASP A 69 4.33 29.14 37.57
CA ASP A 69 3.35 28.89 38.62
C ASP A 69 2.10 28.34 38.00
N ARG A 70 1.64 29.00 36.92
CA ARG A 70 0.41 28.63 36.24
C ARG A 70 0.45 27.20 35.67
N ILE A 71 1.58 26.82 35.09
CA ILE A 71 1.75 25.50 34.51
C ILE A 71 1.70 24.43 35.59
N LYS A 72 2.42 24.64 36.70
CA LYS A 72 2.42 23.67 37.81
C LYS A 72 1.00 23.49 38.42
N GLU A 73 0.19 24.53 38.32
CA GLU A 73 -1.16 24.53 38.86
C GLU A 73 -2.05 23.65 37.99
N TRP A 74 -1.95 23.86 36.68
CA TRP A 74 -2.61 22.98 35.70
C TRP A 74 -2.13 21.55 35.72
N GLU A 75 -0.83 21.32 35.79
CA GLU A 75 -0.35 19.96 35.94
C GLU A 75 -0.96 19.29 37.18
N ASP A 76 -1.02 20.03 38.29
CA ASP A 76 -1.55 19.44 39.51
C ASP A 76 -3.03 19.05 39.41
N ILE A 77 -3.85 19.94 38.84
CA ILE A 77 -5.28 19.64 38.67
C ILE A 77 -5.50 18.51 37.67
N PHE A 78 -4.83 18.60 36.53
CA PHE A 78 -4.84 17.47 35.59
C PHE A 78 -4.48 16.16 36.27
N PHE A 79 -3.41 16.16 37.05
CA PHE A 79 -2.96 14.93 37.70
C PHE A 79 -4.05 14.36 38.62
N ARG A 80 -4.68 15.25 39.38
CA ARG A 80 -5.67 14.83 40.37
C ARG A 80 -6.91 14.16 39.75
N VAL A 81 -7.47 14.77 38.71
CA VAL A 81 -8.67 14.19 38.03
C VAL A 81 -8.36 12.89 37.29
N LEU A 82 -7.17 12.81 36.69
CA LEU A 82 -6.67 11.55 36.13
C LEU A 82 -6.40 10.47 37.16
N LYS A 83 -5.66 10.82 38.22
CA LYS A 83 -5.38 9.86 39.27
C LYS A 83 -6.68 9.39 39.90
N ALA A 84 -7.56 10.32 40.18
CA ALA A 84 -8.87 9.98 40.73
C ALA A 84 -9.74 9.20 39.70
N ARG A 85 -9.36 9.25 38.41
CA ARG A 85 -10.11 8.55 37.36
C ARG A 85 -11.53 9.09 37.16
N LEU A 86 -11.66 10.41 37.34
CA LEU A 86 -12.90 11.15 37.15
C LEU A 86 -13.05 11.57 35.69
N PHE A 87 -11.87 11.80 35.06
CA PHE A 87 -11.75 12.07 33.62
C PHE A 87 -10.61 11.24 33.09
N ILE A 88 -10.78 10.59 31.93
CA ILE A 88 -9.65 9.91 31.27
C ILE A 88 -9.68 10.25 29.77
N PRO A 89 -8.54 10.72 29.21
CA PRO A 89 -8.52 10.95 27.76
C PRO A 89 -8.45 9.66 26.93
N ASN A 90 -8.71 9.77 25.63
CA ASN A 90 -8.59 8.59 24.73
C ASN A 90 -7.24 7.90 24.82
N SER A 91 -7.22 6.60 24.58
CA SER A 91 -6.00 5.79 24.76
C SER A 91 -4.76 6.42 24.11
N PRO A 92 -4.87 6.92 22.86
CA PRO A 92 -3.57 7.39 22.33
C PRO A 92 -2.87 8.47 23.16
N THR A 93 -3.60 9.26 23.95
CA THR A 93 -2.99 10.31 24.85
C THR A 93 -2.23 9.58 25.95
N LEU A 94 -2.79 8.44 26.40
CA LEU A 94 -2.17 7.68 27.47
C LEU A 94 -1.04 6.83 26.94
N PHE A 95 -1.16 6.25 25.74
CA PHE A 95 -0.01 5.52 25.19
C PHE A 95 1.18 6.42 24.93
N ASN A 96 0.95 7.57 24.30
CA ASN A 96 2.00 8.26 23.54
C ASN A 96 2.47 9.57 24.18
N ALA A 97 1.80 10.04 25.25
CA ALA A 97 2.19 11.36 25.83
C ALA A 97 3.62 11.18 26.34
N GLY A 98 4.49 12.16 26.06
CA GLY A 98 5.87 12.12 26.52
C GLY A 98 6.87 11.32 25.69
N LEU A 99 6.43 10.69 24.60
CA LEU A 99 7.36 9.97 23.75
C LEU A 99 8.35 10.97 23.18
N GLY A 100 9.65 10.70 23.37
CA GLY A 100 10.69 11.57 22.82
C GLY A 100 11.38 12.36 23.92
N VAL A 101 10.70 12.46 25.05
CA VAL A 101 11.13 13.26 26.19
C VAL A 101 12.02 12.40 27.06
N LYS A 102 13.06 13.02 27.63
CA LYS A 102 14.00 12.40 28.54
C LYS A 102 13.28 11.79 29.75
N HIS A 103 13.49 10.50 30.01
CA HIS A 103 12.80 9.85 31.13
C HIS A 103 12.97 10.59 32.45
N ASP A 104 14.03 11.36 32.62
CA ASP A 104 14.21 12.08 33.88
C ASP A 104 13.30 13.32 34.04
N LEU A 105 12.53 13.64 33.01
CA LEU A 105 11.60 14.76 33.06
C LEU A 105 10.14 14.34 33.28
N LEU A 106 9.78 13.12 32.87
CA LEU A 106 8.35 12.74 32.80
C LEU A 106 7.68 12.42 34.14
N TRP A 107 8.46 11.99 35.13
CA TRP A 107 7.91 11.55 36.42
C TRP A 107 8.49 12.26 37.65
N LYS A 108 9.35 13.26 37.44
CA LYS A 108 10.02 13.83 38.58
C LYS A 108 9.05 14.68 39.41
N PRO A 109 9.31 14.76 40.75
CA PRO A 109 8.47 15.58 41.60
C PRO A 109 8.32 16.94 41.00
N ILE A 110 7.09 17.44 40.98
CA ILE A 110 6.71 18.72 40.39
C ILE A 110 7.45 19.94 41.02
N ASP A 111 7.86 19.79 42.27
CA ASP A 111 8.50 20.88 43.01
C ASP A 111 9.99 20.91 42.71
N GLN A 112 10.41 20.12 41.72
CA GLN A 112 11.75 20.21 41.17
C GLN A 112 11.69 20.70 39.72
N MET A 113 10.48 20.97 39.23
CA MET A 113 10.28 21.35 37.84
C MET A 113 10.58 22.81 37.65
N THR A 114 11.38 23.13 36.63
CA THR A 114 11.67 24.52 36.27
C THR A 114 11.00 24.84 34.93
N LEU A 115 10.89 26.13 34.61
CA LEU A 115 10.36 26.56 33.32
C LEU A 115 11.14 25.96 32.15
N GLU A 116 12.45 25.79 32.32
CA GLU A 116 13.26 25.22 31.26
C GLU A 116 12.98 23.72 31.07
N ASP A 117 12.75 23.02 32.17
CA ASP A 117 12.23 21.66 32.19
C ASP A 117 10.97 21.48 31.34
N TYR A 118 9.99 22.39 31.49
CA TYR A 118 8.76 22.38 30.67
C TYR A 118 9.08 22.70 29.22
N GLU A 119 10.00 23.64 28.99
CA GLU A 119 10.38 23.99 27.62
C GLU A 119 11.07 22.83 26.90
N GLU A 120 11.88 22.07 27.61
CA GLU A 120 12.52 20.89 27.05
C GLU A 120 11.50 19.80 26.67
N ILE A 121 10.52 19.55 27.55
CA ILE A 121 9.40 18.66 27.20
C ILE A 121 8.74 19.11 25.88
N TYR A 122 8.42 20.38 25.76
CA TYR A 122 7.77 20.86 24.55
C TYR A 122 8.62 20.59 23.31
N ARG A 123 9.92 20.88 23.40
CA ARG A 123 10.81 20.71 22.25
C ARG A 123 11.06 19.28 21.82
N SER A 124 10.99 18.34 22.74
CA SER A 124 11.51 17.03 22.48
C SER A 124 10.46 15.97 22.20
N ARG A 125 9.21 16.39 22.13
CA ARG A 125 8.09 15.50 21.75
C ARG A 125 8.44 15.01 20.37
N ASN A 126 8.49 13.70 20.16
CA ASN A 126 8.95 13.19 18.85
C ASN A 126 7.83 12.96 17.83
N HIS A 127 8.16 12.36 16.67
CA HIS A 127 7.23 12.16 15.58
C HIS A 127 6.14 11.12 15.89
N LEU A 128 6.29 10.39 16.98
CA LEU A 128 5.34 9.36 17.42
C LEU A 128 4.35 9.89 18.49
N HIS A 129 4.52 11.15 18.90
CA HIS A 129 3.75 11.80 19.96
C HIS A 129 2.35 12.20 19.48
N MET A 130 1.58 11.18 19.09
CA MET A 130 0.29 11.35 18.48
C MET A 130 -0.78 11.02 19.56
N LEU A 131 -1.58 12.03 19.91
CA LEU A 131 -2.48 11.93 21.05
C LEU A 131 -3.98 11.80 20.68
N SER A 132 -4.34 11.67 19.39
CA SER A 132 -5.74 11.70 18.96
C SER A 132 -6.17 10.35 18.43
N ALA A 133 -7.40 9.94 18.73
CA ALA A 133 -7.97 8.67 18.22
C ALA A 133 -8.49 8.67 16.80
N CYS A 134 -8.99 9.81 16.31
CA CYS A 134 -9.99 9.80 15.22
C CYS A 134 -9.46 10.60 14.05
N PHE A 135 -9.51 10.01 12.83
CA PHE A 135 -9.01 10.69 11.58
C PHE A 135 -9.91 10.38 10.40
N VAL A 136 -10.01 11.33 9.44
CA VAL A 136 -10.53 11.09 8.12
C VAL A 136 -9.54 11.60 7.09
N VAL A 137 -9.30 10.80 6.06
CA VAL A 137 -8.63 11.32 4.88
C VAL A 137 -9.45 11.00 3.63
N PRO A 138 -9.35 11.90 2.62
CA PRO A 138 -10.00 11.63 1.34
C PRO A 138 -9.31 10.56 0.51
N VAL A 139 -10.05 9.95 -0.40
CA VAL A 139 -9.44 9.04 -1.33
C VAL A 139 -9.92 9.49 -2.73
N GLY A 140 -9.16 10.36 -3.38
CA GLY A 140 -9.61 10.89 -4.71
C GLY A 140 -9.52 9.90 -5.86
N ASP A 141 -10.16 10.23 -6.98
CA ASP A 141 -10.35 9.28 -8.08
C ASP A 141 -9.08 9.23 -8.97
N SER A 142 -7.91 8.82 -8.43
CA SER A 142 -6.72 8.58 -9.26
C SER A 142 -5.82 7.58 -8.56
N ILE A 143 -5.04 6.82 -9.33
CA ILE A 143 -4.10 5.84 -8.78
C ILE A 143 -3.17 6.58 -7.84
N GLU A 144 -2.73 7.76 -8.23
CA GLU A 144 -1.84 8.50 -7.36
C GLU A 144 -2.46 8.81 -5.99
N GLU A 145 -3.68 9.33 -5.99
CA GLU A 145 -4.33 9.72 -4.74
C GLU A 145 -4.76 8.49 -3.95
N ILE A 146 -5.16 7.43 -4.65
CA ILE A 146 -5.56 6.22 -3.96
C ILE A 146 -4.40 5.67 -3.14
N PHE A 147 -3.23 5.62 -3.76
CA PHE A 147 -2.05 5.06 -3.05
C PHE A 147 -1.40 6.07 -2.16
N GLU A 148 -1.55 7.36 -2.43
CA GLU A 148 -1.18 8.31 -1.37
C GLU A 148 -2.02 8.08 -0.06
N ALA A 149 -3.32 7.89 -0.22
CA ALA A 149 -4.19 7.51 0.91
C ALA A 149 -3.84 6.13 1.56
N VAL A 150 -3.41 5.13 0.78
CA VAL A 150 -3.00 3.85 1.45
C VAL A 150 -1.83 4.18 2.42
N LYS A 151 -0.88 4.94 1.91
CA LYS A 151 0.26 5.38 2.70
C LYS A 151 -0.19 6.18 3.98
N GLU A 152 -1.16 7.11 3.86
CA GLU A 152 -1.62 7.85 5.07
C GLU A 152 -2.29 6.93 6.04
N TYR A 153 -3.00 5.94 5.56
CA TYR A 153 -3.61 5.02 6.50
C TYR A 153 -2.54 4.32 7.28
N ALA A 154 -1.48 3.89 6.62
CA ALA A 154 -0.43 3.10 7.27
C ALA A 154 0.23 3.97 8.29
N LEU A 155 0.54 5.19 7.89
CA LEU A 155 1.22 6.12 8.85
C LEU A 155 0.38 6.47 10.10
N ILE A 156 -0.90 6.79 9.87
CA ILE A 156 -1.85 7.05 10.96
C ILE A 156 -2.05 5.83 11.81
N THR A 157 -2.26 4.68 11.18
CA THR A 157 -2.39 3.47 12.00
C THR A 157 -1.15 3.15 12.83
N LYS A 158 0.04 3.25 12.23
CA LYS A 158 1.32 2.99 12.92
C LYS A 158 1.39 3.75 14.25
N VAL A 159 0.99 5.03 14.23
CA VAL A 159 1.14 5.89 15.42
C VAL A 159 -0.04 5.82 16.42
N GLY A 160 -1.02 5.00 16.09
CA GLY A 160 -2.12 4.63 17.00
C GLY A 160 -3.47 5.24 16.69
N GLY A 161 -3.65 5.81 15.51
CA GLY A 161 -4.90 6.52 15.16
C GLY A 161 -5.89 5.56 14.47
N GLY A 162 -7.19 5.90 14.45
CA GLY A 162 -8.17 5.01 13.70
C GLY A 162 -8.70 5.93 12.60
N VAL A 163 -8.72 5.47 11.38
CA VAL A 163 -8.97 6.34 10.26
C VAL A 163 -10.16 5.83 9.48
N GLY A 164 -10.93 6.74 8.93
CA GLY A 164 -11.93 6.38 7.98
C GLY A 164 -11.93 7.18 6.68
N SER A 165 -12.56 6.61 5.67
CA SER A 165 -12.76 7.34 4.43
C SER A 165 -14.12 7.05 3.82
N ASN A 166 -14.58 7.98 3.04
CA ASN A 166 -15.64 7.74 2.07
C ASN A 166 -15.02 7.34 0.72
N PHE A 167 -15.38 6.20 0.11
CA PHE A 167 -14.69 5.80 -1.06
C PHE A 167 -15.46 6.18 -2.33
N SER A 168 -16.42 7.09 -2.17
CA SER A 168 -17.38 7.41 -3.25
C SER A 168 -16.82 8.16 -4.46
N GLU A 169 -15.74 8.89 -4.25
CA GLU A 169 -15.06 9.53 -5.37
C GLU A 169 -14.55 8.50 -6.41
N LEU A 170 -14.27 7.25 -6.01
CA LEU A 170 -13.70 6.30 -6.94
C LEU A 170 -14.76 5.85 -7.94
N ARG A 171 -14.49 6.00 -9.26
CA ARG A 171 -15.47 5.72 -10.28
C ARG A 171 -15.81 4.24 -10.31
N PRO A 172 -17.10 3.93 -10.60
CA PRO A 172 -17.56 2.52 -10.48
C PRO A 172 -16.76 1.56 -11.36
N LYS A 173 -16.83 0.28 -10.99
CA LYS A 173 -16.16 -0.76 -11.70
C LYS A 173 -16.57 -0.64 -13.20
N GLY A 174 -15.65 -0.85 -14.15
CA GLY A 174 -16.03 -0.88 -15.59
C GLY A 174 -16.03 0.52 -16.19
N SER A 175 -15.69 1.51 -15.41
CA SER A 175 -15.68 2.84 -15.97
C SER A 175 -14.53 3.07 -16.96
N PHE A 176 -14.76 4.02 -17.88
CA PHE A 176 -13.74 4.54 -18.79
C PHE A 176 -12.58 5.17 -18.03
N VAL A 177 -11.35 4.81 -18.43
CA VAL A 177 -10.16 5.52 -18.00
C VAL A 177 -9.52 6.21 -19.21
N ALA A 178 -9.26 7.50 -19.13
CA ALA A 178 -8.86 8.24 -20.34
C ALA A 178 -7.57 7.72 -20.92
N GLY A 179 -7.45 7.85 -22.25
CA GLY A 179 -6.22 7.53 -22.98
C GLY A 179 -5.75 6.09 -22.88
N THR A 180 -6.63 5.23 -22.39
CA THR A 180 -6.35 3.79 -22.37
C THR A 180 -7.63 3.11 -22.76
N HIS A 181 -7.58 1.79 -22.88
CA HIS A 181 -8.78 1.02 -23.22
C HIS A 181 -9.20 0.02 -22.11
N GLY A 182 -8.38 -0.02 -21.06
CA GLY A 182 -8.76 -0.66 -19.80
C GLY A 182 -9.70 0.19 -18.96
N LYS A 183 -10.47 -0.51 -18.12
CA LYS A 183 -11.53 0.07 -17.28
C LYS A 183 -11.08 0.22 -15.81
N ALA A 184 -11.67 1.17 -15.08
CA ALA A 184 -11.45 1.30 -13.63
C ALA A 184 -11.99 0.10 -12.87
N SER A 185 -11.27 -0.31 -11.83
CA SER A 185 -11.68 -1.49 -11.08
C SER A 185 -12.82 -1.27 -10.09
N GLY A 186 -12.96 -0.06 -9.59
CA GLY A 186 -14.05 0.27 -8.68
C GLY A 186 -13.57 0.48 -7.23
N PRO A 187 -14.40 1.16 -6.40
CA PRO A 187 -13.96 1.42 -5.00
C PRO A 187 -13.68 0.17 -4.20
N VAL A 188 -14.49 -0.89 -4.39
CA VAL A 188 -14.37 -2.04 -3.51
C VAL A 188 -13.07 -2.83 -3.80
N SER A 189 -12.60 -2.81 -5.05
CA SER A 189 -11.33 -3.43 -5.37
C SER A 189 -10.21 -2.75 -4.65
N PHE A 190 -10.19 -1.41 -4.66
CA PHE A 190 -9.17 -0.65 -3.92
C PHE A 190 -9.24 -0.79 -2.41
N MET A 191 -10.42 -0.83 -1.85
CA MET A 191 -10.55 -1.12 -0.41
C MET A 191 -9.83 -2.41 0.03
N HIS A 192 -9.75 -3.42 -0.84
CA HIS A 192 -8.91 -4.60 -0.55
C HIS A 192 -7.42 -4.29 -0.33
N VAL A 193 -6.89 -3.32 -1.06
CA VAL A 193 -5.53 -2.94 -0.94
C VAL A 193 -5.40 -2.25 0.42
N PHE A 194 -6.31 -1.33 0.76
CA PHE A 194 -6.31 -0.76 2.12
C PHE A 194 -6.44 -1.83 3.22
N ASN A 195 -7.33 -2.82 3.11
CA ASN A 195 -7.40 -3.90 4.11
C ASN A 195 -6.11 -4.69 4.25
N SER A 196 -5.44 -4.97 3.13
CA SER A 196 -4.12 -5.64 3.13
C SER A 196 -3.05 -4.85 3.82
N ALA A 197 -2.94 -3.60 3.43
CA ALA A 197 -2.00 -2.68 4.05
C ALA A 197 -2.11 -2.77 5.58
N ILE A 198 -3.33 -2.55 6.06
CA ILE A 198 -3.62 -2.45 7.51
C ILE A 198 -3.56 -3.81 8.22
N SER A 199 -3.98 -4.90 7.59
CA SER A 199 -3.71 -6.18 8.22
C SER A 199 -2.23 -6.48 8.50
N VAL A 200 -1.31 -5.97 7.67
CA VAL A 200 0.14 -6.10 7.95
C VAL A 200 0.60 -5.09 8.98
N VAL A 201 0.21 -3.85 8.79
CA VAL A 201 0.55 -2.84 9.80
C VAL A 201 0.09 -3.26 11.20
N LYS A 202 -1.08 -3.90 11.32
CA LYS A 202 -1.63 -4.35 12.62
C LYS A 202 -1.31 -5.82 12.98
N GLN A 203 -0.47 -6.48 12.19
CA GLN A 203 0.06 -7.82 12.42
C GLN A 203 0.87 -7.86 13.71
N ALA A 210 -10.09 -0.90 14.02
CA ALA A 210 -10.67 -1.17 12.73
C ALA A 210 -10.50 0.13 11.91
N LEU A 211 -10.96 0.07 10.67
CA LEU A 211 -11.05 1.21 9.79
C LEU A 211 -12.52 1.47 9.59
N MET A 212 -12.86 2.68 9.17
CA MET A 212 -14.20 3.03 8.64
C MET A 212 -14.13 3.15 7.10
N GLY A 213 -14.99 2.41 6.40
CA GLY A 213 -15.20 2.67 5.01
C GLY A 213 -16.64 2.93 4.66
N ILE A 214 -16.88 4.04 3.94
CA ILE A 214 -18.21 4.47 3.60
C ILE A 214 -18.29 4.54 2.09
N LEU A 215 -19.39 4.02 1.55
CA LEU A 215 -19.78 4.34 0.17
C LEU A 215 -21.23 4.88 0.15
N ASN A 216 -21.49 5.84 -0.74
CA ASN A 216 -22.72 6.55 -0.67
C ASN A 216 -23.78 5.75 -1.36
N ILE A 217 -25.00 5.90 -0.86
CA ILE A 217 -26.14 5.05 -1.31
C ILE A 217 -26.42 5.16 -2.83
N ASN A 218 -26.07 6.30 -3.44
CA ASN A 218 -26.29 6.41 -4.90
C ASN A 218 -25.11 6.04 -5.82
N HIS A 219 -24.07 5.44 -5.25
CA HIS A 219 -22.92 5.02 -6.04
C HIS A 219 -23.31 3.76 -6.80
N PRO A 220 -22.96 3.66 -8.12
CA PRO A 220 -23.39 2.42 -8.80
C PRO A 220 -22.83 1.12 -8.30
N ASP A 221 -21.77 1.13 -7.50
CA ASP A 221 -21.31 -0.14 -6.93
C ASP A 221 -21.81 -0.39 -5.50
N ILE A 222 -22.87 0.33 -5.10
CA ILE A 222 -23.37 0.27 -3.72
C ILE A 222 -23.78 -1.17 -3.36
N GLU A 223 -24.41 -1.87 -4.29
CA GLU A 223 -24.80 -3.24 -3.96
C GLU A 223 -23.65 -4.20 -3.64
N GLU A 224 -22.57 -4.11 -4.44
CA GLU A 224 -21.32 -4.83 -4.21
C GLU A 224 -20.77 -4.49 -2.83
N PHE A 225 -20.75 -3.20 -2.54
CA PHE A 225 -20.29 -2.69 -1.26
C PHE A 225 -21.06 -3.26 -0.07
N ILE A 226 -22.39 -3.28 -0.17
CA ILE A 226 -23.27 -3.78 0.91
C ILE A 226 -22.88 -5.20 1.31
N ASP A 227 -22.48 -5.99 0.31
CA ASP A 227 -22.09 -7.41 0.39
C ASP A 227 -20.58 -7.65 0.58
N ALA A 228 -19.77 -6.61 0.70
CA ALA A 228 -18.30 -6.74 0.75
C ALA A 228 -17.72 -7.49 1.95
N LYS A 229 -18.50 -7.63 3.02
CA LYS A 229 -18.09 -8.46 4.17
C LYS A 229 -19.08 -9.59 4.31
N LYS A 230 -19.68 -9.98 3.19
CA LYS A 230 -20.53 -11.16 3.15
C LYS A 230 -19.60 -12.38 3.01
N GLU A 231 -19.77 -13.32 3.94
CA GLU A 231 -19.06 -14.60 3.90
C GLU A 231 -19.62 -15.37 2.70
N ASN A 232 -18.73 -15.72 1.76
CA ASN A 232 -19.15 -16.22 0.46
C ASN A 232 -19.15 -17.74 0.35
N VAL A 237 -13.40 -10.75 1.93
CA VAL A 237 -13.66 -10.13 3.25
C VAL A 237 -12.82 -8.84 3.53
N LEU A 238 -13.48 -7.72 3.72
CA LEU A 238 -12.77 -6.54 4.22
C LEU A 238 -12.67 -6.61 5.74
N ASN A 239 -11.90 -7.56 6.26
CA ASN A 239 -12.03 -7.90 7.67
C ASN A 239 -11.50 -6.84 8.64
N PHE A 240 -10.67 -5.92 8.15
CA PHE A 240 -10.26 -4.74 8.97
C PHE A 240 -11.13 -3.51 8.88
N PHE A 241 -12.15 -3.55 8.04
CA PHE A 241 -13.07 -2.43 7.92
C PHE A 241 -14.36 -2.59 8.69
N ASN A 242 -14.82 -1.51 9.32
CA ASN A 242 -16.27 -1.34 9.58
C ASN A 242 -16.82 -0.67 8.30
N LEU A 243 -17.99 -1.03 7.85
CA LEU A 243 -18.49 -0.47 6.58
C LEU A 243 -19.79 0.24 6.93
N SER A 244 -20.03 1.46 6.39
CA SER A 244 -21.33 2.09 6.51
C SER A 244 -21.81 2.58 5.16
N VAL A 245 -23.11 2.63 4.95
CA VAL A 245 -23.67 3.25 3.73
C VAL A 245 -23.86 4.73 3.99
N GLY A 246 -23.45 5.55 3.04
CA GLY A 246 -23.43 7.00 3.23
C GLY A 246 -24.72 7.56 2.66
N PHE A 247 -25.32 8.52 3.38
CA PHE A 247 -26.53 9.24 2.96
C PHE A 247 -26.18 10.71 2.99
N PRO A 248 -25.59 11.22 1.93
CA PRO A 248 -25.26 12.66 1.92
C PRO A 248 -26.47 13.63 1.71
N MET A 249 -27.59 13.13 1.24
CA MET A 249 -28.87 13.87 1.20
C MET A 249 -29.54 13.93 2.55
N ASP A 250 -30.62 14.71 2.63
CA ASP A 250 -31.41 14.86 3.82
C ASP A 250 -32.10 13.55 4.17
N LYS A 251 -32.03 13.15 5.46
CA LYS A 251 -32.82 11.99 6.01
C LYS A 251 -34.29 12.00 5.59
N LYS A 252 -34.87 13.19 5.62
CA LYS A 252 -36.28 13.42 5.17
C LYS A 252 -36.59 12.98 3.75
N GLU A 253 -35.68 13.33 2.83
CA GLU A 253 -35.76 12.93 1.44
C GLU A 253 -35.80 11.44 1.30
N ILE A 254 -34.87 10.76 2.00
CA ILE A 254 -34.76 9.30 1.93
C ILE A 254 -35.98 8.63 2.54
N LEU A 255 -36.46 9.13 3.69
CA LEU A 255 -37.70 8.59 4.26
C LEU A 255 -38.92 8.67 3.30
N LYS A 256 -39.14 9.86 2.77
CA LYS A 256 -40.18 10.08 1.75
C LYS A 256 -40.12 9.13 0.56
N LEU A 257 -38.92 8.97 0.00
CA LEU A 257 -38.71 8.00 -1.11
C LEU A 257 -39.09 6.60 -0.70
N TYR A 258 -38.65 6.19 0.50
CA TYR A 258 -38.99 4.86 1.04
C TYR A 258 -40.52 4.70 1.16
N GLU A 259 -41.16 5.72 1.74
CA GLU A 259 -42.61 5.70 1.98
C GLU A 259 -43.42 5.65 0.69
N GLU A 260 -42.88 6.20 -0.38
CA GLU A 260 -43.49 6.18 -1.70
C GLU A 260 -43.15 4.92 -2.51
N ASP A 261 -42.36 4.01 -1.94
CA ASP A 261 -41.79 2.89 -2.72
C ASP A 261 -41.13 3.44 -4.00
N GLY A 262 -40.36 4.51 -3.84
CA GLY A 262 -39.69 5.11 -4.97
C GLY A 262 -38.39 4.49 -5.43
N GLU A 263 -37.84 5.06 -6.48
CA GLU A 263 -36.57 4.59 -6.99
C GLU A 263 -35.46 5.58 -6.80
N LEU A 264 -34.26 5.05 -6.56
CA LEU A 264 -33.04 5.86 -6.54
C LEU A 264 -32.26 5.59 -7.83
N GLU A 265 -31.71 6.64 -8.41
CA GLU A 265 -30.82 6.51 -9.54
C GLU A 265 -29.38 6.46 -9.03
N LEU A 266 -28.71 5.36 -9.34
CA LEU A 266 -27.27 5.21 -9.08
C LEU A 266 -26.48 5.76 -10.25
N SER A 267 -25.57 6.68 -9.97
CA SER A 267 -24.81 7.32 -11.02
C SER A 267 -23.50 7.85 -10.43
N HIS A 268 -22.54 8.17 -11.28
CA HIS A 268 -21.30 8.75 -10.79
C HIS A 268 -20.89 9.89 -11.71
N PRO A 269 -20.30 10.95 -11.18
CA PRO A 269 -19.88 11.97 -12.16
C PRO A 269 -18.79 11.61 -13.17
N ARG A 270 -18.03 10.55 -12.96
CA ARG A 270 -16.96 10.15 -13.92
C ARG A 270 -17.22 8.78 -14.44
N SER A 271 -18.49 8.46 -14.63
CA SER A 271 -18.86 7.25 -15.33
C SER A 271 -20.16 7.52 -16.10
N THR A 272 -20.43 6.69 -17.10
CA THR A 272 -21.69 6.69 -17.89
C THR A 272 -22.61 5.56 -17.40
N ILE A 273 -22.13 4.77 -16.44
CA ILE A 273 -22.89 3.67 -15.82
C ILE A 273 -23.98 4.28 -14.92
N ARG A 274 -25.26 3.98 -15.24
CA ARG A 274 -26.44 4.47 -14.46
C ARG A 274 -27.25 3.30 -14.07
N LYS A 275 -27.99 3.39 -12.98
CA LYS A 275 -28.95 2.30 -12.72
C LYS A 275 -30.05 2.85 -11.87
N LYS A 276 -31.25 2.31 -12.04
CA LYS A 276 -32.38 2.65 -11.17
C LYS A 276 -32.70 1.46 -10.30
N VAL A 277 -32.76 1.69 -8.99
CA VAL A 277 -33.08 0.61 -8.04
C VAL A 277 -34.14 1.14 -7.07
N LYS A 278 -35.01 0.25 -6.63
CA LYS A 278 -36.02 0.59 -5.63
C LYS A 278 -35.32 0.82 -4.30
N ILE A 279 -35.59 1.96 -3.66
CA ILE A 279 -34.95 2.23 -2.37
C ILE A 279 -35.30 1.15 -1.35
N ARG A 280 -36.54 0.66 -1.37
CA ARG A 280 -36.91 -0.42 -0.48
C ARG A 280 -36.10 -1.72 -0.69
N GLU A 281 -35.72 -2.01 -1.93
CA GLU A 281 -34.97 -3.21 -2.16
C GLU A 281 -33.54 -3.05 -1.68
N LEU A 282 -33.00 -1.85 -1.86
CA LEU A 282 -31.67 -1.50 -1.31
C LEU A 282 -31.64 -1.55 0.20
N PHE A 283 -32.66 -1.00 0.86
CA PHE A 283 -32.71 -1.06 2.30
C PHE A 283 -32.78 -2.47 2.83
N ARG A 284 -33.50 -3.30 2.12
CA ARG A 284 -33.70 -4.66 2.58
C ARG A 284 -32.41 -5.51 2.50
N LYS A 285 -31.66 -5.33 1.40
CA LYS A 285 -30.29 -5.85 1.21
C LYS A 285 -29.38 -5.41 2.36
N ILE A 286 -29.37 -4.11 2.69
CA ILE A 286 -28.60 -3.65 3.87
C ILE A 286 -29.04 -4.34 5.14
N ALA A 287 -30.35 -4.33 5.39
CA ALA A 287 -30.94 -4.88 6.63
C ALA A 287 -30.64 -6.35 6.77
N THR A 288 -30.82 -7.08 5.67
CA THR A 288 -30.50 -8.51 5.69
C THR A 288 -29.02 -8.76 6.03
N ASN A 289 -28.09 -8.04 5.39
CA ASN A 289 -26.66 -8.18 5.73
C ASN A 289 -26.37 -7.80 7.17
N ALA A 290 -26.97 -6.72 7.66
CA ALA A 290 -26.72 -6.27 9.04
C ALA A 290 -27.36 -7.23 10.02
N TRP A 291 -28.49 -7.81 9.62
CA TRP A 291 -29.11 -8.86 10.43
C TRP A 291 -28.22 -10.12 10.53
N LYS A 292 -27.51 -10.44 9.45
CA LYS A 292 -26.63 -11.59 9.44
C LYS A 292 -25.35 -11.39 10.20
N SER A 293 -24.77 -10.17 10.11
CA SER A 293 -23.39 -9.98 10.45
C SER A 293 -23.03 -8.66 11.09
N GLY A 294 -23.98 -7.76 11.22
CA GLY A 294 -23.69 -6.48 11.84
C GLY A 294 -23.18 -5.38 10.94
N ASP A 295 -22.89 -5.70 9.68
CA ASP A 295 -22.49 -4.74 8.64
C ASP A 295 -23.38 -4.93 7.42
N PRO A 296 -23.64 -3.87 6.68
CA PRO A 296 -23.14 -2.53 7.01
C PRO A 296 -24.05 -1.68 7.87
N GLY A 297 -23.48 -0.61 8.46
CA GLY A 297 -24.24 0.42 9.16
C GLY A 297 -24.72 1.56 8.29
N LEU A 298 -25.38 2.57 8.88
CA LEU A 298 -25.89 3.75 8.10
C LEU A 298 -25.15 4.99 8.65
N ALA A 299 -24.65 5.84 7.75
CA ALA A 299 -24.03 7.15 8.10
C ALA A 299 -24.89 8.19 7.45
N PHE A 300 -25.58 8.98 8.27
CA PHE A 300 -26.36 10.13 7.77
C PHE A 300 -25.50 11.39 7.68
N LEU A 301 -24.71 11.42 6.60
CA LEU A 301 -23.69 12.46 6.38
C LEU A 301 -24.36 13.82 6.24
N GLY A 302 -25.48 13.84 5.52
CA GLY A 302 -26.30 15.05 5.35
C GLY A 302 -26.77 15.59 6.67
N GLU A 303 -27.27 14.70 7.51
CA GLU A 303 -27.57 15.14 8.91
C GLU A 303 -26.34 15.72 9.61
N MET A 304 -25.14 15.16 9.40
CA MET A 304 -23.96 15.71 10.10
C MET A 304 -23.66 17.09 9.54
N ASN A 305 -23.79 17.21 8.24
CA ASN A 305 -23.53 18.53 7.61
C ASN A 305 -24.54 19.60 7.95
N LYS A 306 -25.81 19.25 8.11
CA LYS A 306 -26.80 20.12 8.77
C LYS A 306 -26.27 20.84 9.99
N TYR A 307 -25.60 20.13 10.88
CA TYR A 307 -25.07 20.80 12.05
C TYR A 307 -23.58 21.15 12.06
N TYR A 308 -22.86 20.96 10.95
CA TYR A 308 -21.43 21.28 10.86
C TYR A 308 -21.26 22.82 10.71
N PRO A 309 -20.60 23.49 11.66
CA PRO A 309 -20.46 24.96 11.60
C PRO A 309 -19.65 25.52 10.43
N LEU A 310 -18.94 24.66 9.70
CA LEU A 310 -18.13 25.09 8.57
C LEU A 310 -18.77 24.78 7.28
N TYR A 311 -19.91 24.12 7.30
CA TYR A 311 -20.51 23.69 6.04
C TYR A 311 -21.22 24.89 5.41
N PRO A 312 -21.18 25.03 4.05
CA PRO A 312 -20.50 24.18 3.04
C PRO A 312 -19.07 24.51 2.64
N HIS A 313 -18.41 25.44 3.35
CA HIS A 313 -17.01 25.78 3.03
C HIS A 313 -16.19 24.49 3.15
N ARG A 314 -16.55 23.68 4.14
CA ARG A 314 -15.96 22.40 4.39
C ARG A 314 -17.08 21.41 4.58
N LYS A 315 -16.77 20.13 4.42
CA LYS A 315 -17.81 19.13 4.28
C LYS A 315 -17.41 17.81 4.95
N ILE A 316 -18.29 17.27 5.77
CA ILE A 316 -18.05 16.00 6.45
C ILE A 316 -18.47 14.96 5.42
N ASN A 317 -17.55 14.06 5.08
CA ASN A 317 -17.78 12.99 4.16
C ASN A 317 -17.62 11.61 4.82
N SER A 318 -17.04 11.54 5.99
CA SER A 318 -16.80 10.26 6.61
C SER A 318 -16.75 10.43 8.10
N THR A 319 -16.80 9.30 8.82
CA THR A 319 -16.48 9.26 10.23
C THR A 319 -15.22 8.49 10.47
N ASN A 320 -14.75 8.46 11.72
CA ASN A 320 -13.76 7.54 12.22
C ASN A 320 -14.37 6.12 12.32
N PRO A 321 -13.54 5.10 12.63
CA PRO A 321 -14.00 3.70 12.69
C PRO A 321 -15.20 3.47 13.59
N CYS A 322 -15.29 4.13 14.76
CA CYS A 322 -16.43 3.92 15.65
C CYS A 322 -17.66 4.81 15.43
N GLY A 323 -17.57 5.71 14.45
CA GLY A 323 -18.68 6.49 13.98
C GLY A 323 -18.98 7.77 14.73
N GLU A 324 -18.29 8.02 15.87
CA GLU A 324 -18.76 9.03 16.77
C GLU A 324 -18.22 10.45 16.46
N ILE A 325 -17.14 10.58 15.67
CA ILE A 325 -16.79 11.89 15.03
C ILE A 325 -16.97 11.89 13.50
N GLY A 326 -17.82 12.78 13.00
CA GLY A 326 -17.87 13.19 11.57
C GLY A 326 -16.77 14.19 11.31
N LEU A 327 -15.82 13.87 10.43
CA LEU A 327 -14.68 14.79 10.19
C LEU A 327 -14.61 15.23 8.73
N SER A 328 -14.12 16.46 8.47
CA SER A 328 -13.85 16.82 7.09
C SER A 328 -12.48 16.23 6.70
N ASP A 329 -12.10 16.43 5.43
CA ASP A 329 -10.88 15.83 4.86
C ASP A 329 -9.64 16.27 5.62
N TYR A 330 -8.86 15.29 6.06
CA TYR A 330 -7.61 15.52 6.84
C TYR A 330 -7.80 15.94 8.27
N GLU A 331 -9.05 16.03 8.74
CA GLU A 331 -9.28 16.45 10.14
C GLU A 331 -9.04 15.31 11.11
N ALA A 332 -8.60 15.64 12.33
CA ALA A 332 -8.53 14.63 13.38
C ALA A 332 -9.21 15.15 14.62
N CYS A 333 -9.53 14.25 15.56
CA CYS A 333 -10.12 14.74 16.84
C CYS A 333 -9.54 14.01 18.02
N ASN A 334 -9.20 14.71 19.13
CA ASN A 334 -8.84 13.99 20.35
C ASN A 334 -10.03 13.93 21.32
N LEU A 335 -10.22 12.76 21.94
CA LEU A 335 -11.36 12.51 22.79
C LEU A 335 -10.98 12.36 24.26
N GLY A 336 -11.93 12.61 25.15
CA GLY A 336 -11.82 12.08 26.50
C GLY A 336 -13.17 12.05 27.19
N SER A 337 -13.25 11.28 28.27
CA SER A 337 -14.54 11.03 28.92
C SER A 337 -14.58 11.19 30.41
N ILE A 338 -15.65 11.81 30.88
CA ILE A 338 -15.89 11.94 32.33
C ILE A 338 -16.66 10.75 32.86
N ASP A 339 -16.23 10.17 34.00
CA ASP A 339 -16.99 9.06 34.60
C ASP A 339 -18.15 9.60 35.45
N VAL A 340 -19.35 9.71 34.88
CA VAL A 340 -20.42 10.42 35.62
C VAL A 340 -21.01 9.55 36.75
N ALA A 341 -20.75 8.23 36.78
CA ALA A 341 -21.15 7.40 37.95
C ALA A 341 -20.48 7.87 39.23
N LYS A 342 -19.32 8.52 39.10
CA LYS A 342 -18.61 9.10 40.24
C LYS A 342 -19.24 10.39 40.79
N PHE A 343 -20.16 10.99 40.03
CA PHE A 343 -20.88 12.18 40.43
C PHE A 343 -22.22 11.92 41.11
N TYR A 344 -22.51 10.69 41.45
CA TYR A 344 -23.73 10.41 42.20
C TYR A 344 -23.61 10.87 43.64
N ASN A 345 -24.59 11.65 44.10
CA ASN A 345 -24.60 12.22 45.46
C ASN A 345 -26.03 12.23 46.04
N ASN A 346 -26.30 11.26 46.92
CA ASN A 346 -27.52 11.18 47.71
C ASN A 346 -28.81 11.30 46.84
N GLY A 347 -28.94 10.44 45.85
CA GLY A 347 -30.08 10.50 44.92
C GLY A 347 -30.04 11.53 43.79
N PHE A 348 -29.03 12.41 43.75
CA PHE A 348 -28.87 13.40 42.65
C PHE A 348 -27.47 13.34 41.98
N VAL A 349 -27.35 13.93 40.80
CA VAL A 349 -26.04 14.12 40.16
C VAL A 349 -25.42 15.42 40.71
N ASP A 350 -24.16 15.37 41.14
CA ASP A 350 -23.54 16.55 41.75
C ASP A 350 -23.12 17.54 40.71
N LEU A 351 -24.04 18.41 40.34
CA LEU A 351 -23.82 19.34 39.25
C LEU A 351 -22.73 20.36 39.49
N GLU A 352 -22.53 20.77 40.73
CA GLU A 352 -21.48 21.76 41.01
C GLU A 352 -20.06 21.21 40.73
N ALA A 353 -19.81 19.97 41.14
CA ALA A 353 -18.51 19.33 40.88
C ALA A 353 -18.39 18.95 39.40
N LEU A 354 -19.51 18.54 38.79
CA LEU A 354 -19.50 18.22 37.37
C LEU A 354 -19.18 19.43 36.50
N GLN A 355 -19.77 20.59 36.80
CA GLN A 355 -19.45 21.79 36.01
C GLN A 355 -17.93 22.07 36.07
N GLU A 356 -17.38 22.08 37.28
CA GLU A 356 -15.96 22.35 37.46
C GLU A 356 -15.13 21.39 36.60
N LEU A 357 -15.50 20.11 36.60
CA LEU A 357 -14.76 19.09 35.83
C LEU A 357 -14.93 19.21 34.32
N VAL A 358 -16.09 19.66 33.85
CA VAL A 358 -16.22 19.95 32.42
C VAL A 358 -15.23 21.04 32.03
N GLN A 359 -15.17 22.06 32.85
CA GLN A 359 -14.30 23.19 32.61
C GLN A 359 -12.87 22.74 32.50
N ILE A 360 -12.42 21.90 33.43
CA ILE A 360 -11.06 21.36 33.40
C ILE A 360 -10.80 20.46 32.21
N ALA A 361 -11.77 19.59 31.91
CA ALA A 361 -11.63 18.62 30.85
C ALA A 361 -11.57 19.29 29.46
N VAL A 362 -12.33 20.35 29.26
CA VAL A 362 -12.28 21.05 27.96
C VAL A 362 -10.92 21.74 27.82
N ARG A 363 -10.39 22.31 28.90
CA ARG A 363 -9.08 22.90 28.74
C ARG A 363 -8.01 21.82 28.43
N PHE A 364 -8.08 20.69 29.10
CA PHE A 364 -7.15 19.59 28.89
C PHE A 364 -7.17 19.24 27.43
N LEU A 365 -8.38 19.07 26.88
CA LEU A 365 -8.54 18.47 25.58
C LEU A 365 -8.02 19.43 24.54
N ASP A 366 -8.32 20.72 24.73
CA ASP A 366 -7.83 21.76 23.84
C ASP A 366 -6.28 21.87 23.93
N ASN A 367 -5.73 21.72 25.12
CA ASN A 367 -4.29 21.64 25.36
C ASN A 367 -3.54 20.48 24.67
N VAL A 368 -4.22 19.32 24.55
CA VAL A 368 -3.70 18.19 23.81
C VAL A 368 -3.41 18.56 22.34
N ILE A 369 -4.26 19.39 21.72
CA ILE A 369 -3.98 19.80 20.37
C ILE A 369 -2.57 20.47 20.27
N ASP A 370 -2.24 21.26 21.26
CA ASP A 370 -1.00 21.99 21.24
C ASP A 370 0.20 21.08 21.40
N VAL A 371 0.05 19.91 22.03
CA VAL A 371 1.20 19.04 22.19
C VAL A 371 1.17 17.82 21.31
N ASN A 372 0.24 17.80 20.39
CA ASN A 372 0.02 16.64 19.55
C ASN A 372 0.96 16.73 18.34
N VAL A 373 1.48 15.60 17.89
CA VAL A 373 2.24 15.55 16.67
C VAL A 373 1.55 14.58 15.69
N PHE A 374 1.20 15.10 14.52
CA PHE A 374 0.59 14.28 13.44
C PHE A 374 1.59 13.91 12.35
N PRO A 375 1.38 12.75 11.68
CA PRO A 375 2.39 12.29 10.72
C PRO A 375 2.27 12.94 9.35
N ILE A 376 1.27 13.84 9.18
CA ILE A 376 0.94 14.36 7.87
C ILE A 376 0.64 15.85 8.02
N ASP A 377 1.38 16.65 7.25
CA ASP A 377 1.19 18.10 7.03
C ASP A 377 -0.25 18.64 7.03
N LYS A 378 -1.06 18.03 6.19
CA LYS A 378 -2.36 18.54 5.93
C LYS A 378 -3.21 18.30 7.16
N ILE A 379 -2.84 17.34 8.01
CA ILE A 379 -3.62 17.07 9.24
C ILE A 379 -3.29 18.10 10.31
N THR A 380 -2.01 18.37 10.50
CA THR A 380 -1.64 19.41 11.45
C THR A 380 -2.46 20.66 11.11
N LYS A 381 -2.49 21.04 9.85
CA LYS A 381 -3.17 22.22 9.39
C LYS A 381 -4.69 22.19 9.67
N ALA A 382 -5.35 21.10 9.30
CA ALA A 382 -6.79 21.05 9.47
C ALA A 382 -7.17 21.18 10.95
N VAL A 383 -6.41 20.52 11.83
CA VAL A 383 -6.66 20.54 13.25
C VAL A 383 -6.41 21.92 13.88
N LYS A 384 -5.32 22.59 13.47
CA LYS A 384 -5.06 23.96 13.95
C LYS A 384 -6.16 24.93 13.57
N GLU A 385 -6.71 24.73 12.39
CA GLU A 385 -7.74 25.60 11.88
C GLU A 385 -9.10 25.48 12.52
N SER A 386 -9.40 24.29 13.07
CA SER A 386 -10.74 24.00 13.59
C SER A 386 -10.77 23.76 15.09
N ARG A 387 -9.73 23.09 15.61
CA ARG A 387 -9.62 22.69 17.01
C ARG A 387 -10.82 21.85 17.50
N ARG A 388 -11.32 20.93 16.70
CA ARG A 388 -12.47 20.10 17.12
C ARG A 388 -12.08 19.30 18.35
N LEU A 389 -12.96 19.20 19.37
CA LEU A 389 -12.69 18.31 20.52
C LEU A 389 -13.85 17.29 20.61
N GLY A 390 -13.63 16.22 21.36
CA GLY A 390 -14.68 15.23 21.71
C GLY A 390 -14.71 14.87 23.18
N LEU A 391 -15.21 15.79 24.02
CA LEU A 391 -15.53 15.50 25.45
C LEU A 391 -16.79 14.66 25.52
N GLY A 392 -16.70 13.48 26.14
CA GLY A 392 -17.88 12.62 26.38
C GLY A 392 -18.05 12.11 27.79
N ILE A 393 -18.85 11.04 27.95
CA ILE A 393 -19.07 10.47 29.26
C ILE A 393 -18.99 8.99 29.16
N MET A 394 -18.65 8.36 30.30
CA MET A 394 -18.79 6.94 30.50
C MET A 394 -19.46 6.74 31.86
N GLY A 395 -19.75 5.48 32.19
CA GLY A 395 -20.35 5.23 33.52
C GLY A 395 -21.79 5.66 33.59
N PHE A 396 -22.40 6.00 32.44
CA PHE A 396 -23.81 6.44 32.45
C PHE A 396 -24.79 5.31 32.90
N ALA A 397 -24.58 4.08 32.43
CA ALA A 397 -25.41 2.95 32.88
C ALA A 397 -25.38 2.69 34.40
N ASP A 398 -24.18 2.73 34.98
CA ASP A 398 -23.96 2.56 36.40
C ASP A 398 -24.53 3.76 37.21
N LEU A 399 -24.47 4.95 36.64
CA LEU A 399 -25.20 6.08 37.21
C LEU A 399 -26.71 5.85 37.32
N LEU A 400 -27.34 5.33 36.26
CA LEU A 400 -28.78 4.99 36.32
C LEU A 400 -29.08 3.97 37.43
N TYR A 401 -28.18 2.99 37.59
CA TYR A 401 -28.27 2.00 38.65
C TYR A 401 -28.32 2.68 40.03
N LYS A 402 -27.43 3.65 40.24
CA LYS A 402 -27.31 4.41 41.51
C LYS A 402 -28.54 5.29 41.78
N LEU A 403 -29.05 5.92 40.72
CA LEU A 403 -30.25 6.74 40.83
C LEU A 403 -31.52 5.86 40.78
N GLU A 404 -31.35 4.57 40.61
CA GLU A 404 -32.49 3.66 40.47
C GLU A 404 -33.43 4.05 39.34
N ILE A 405 -32.87 4.33 38.17
CA ILE A 405 -33.63 4.62 36.95
C ILE A 405 -33.45 3.48 35.93
N PRO A 406 -34.56 2.90 35.43
CA PRO A 406 -34.38 1.85 34.39
C PRO A 406 -33.93 2.44 33.07
N TYR A 407 -32.91 1.84 32.46
CA TYR A 407 -32.37 2.35 31.20
C TYR A 407 -33.44 2.48 30.12
N ASN A 408 -34.28 1.44 30.06
CA ASN A 408 -35.35 1.34 29.05
C ASN A 408 -36.61 2.05 29.53
N SER A 409 -36.54 3.37 29.65
CA SER A 409 -37.66 4.15 30.18
C SER A 409 -37.55 5.57 29.72
N GLN A 410 -38.67 6.28 29.67
CA GLN A 410 -38.60 7.72 29.34
C GLN A 410 -37.90 8.51 30.41
N GLU A 411 -38.08 8.07 31.65
CA GLU A 411 -37.36 8.71 32.74
C GLU A 411 -35.85 8.83 32.47
N ALA A 412 -35.22 7.71 32.09
CA ALA A 412 -33.79 7.61 31.74
C ALA A 412 -33.41 8.53 30.59
N ARG A 413 -34.25 8.53 29.55
CA ARG A 413 -34.01 9.37 28.36
C ARG A 413 -34.11 10.86 28.65
N ASP A 414 -35.12 11.24 29.44
CA ASP A 414 -35.23 12.66 29.89
C ASP A 414 -34.06 13.07 30.74
N PHE A 415 -33.62 12.18 31.64
CA PHE A 415 -32.43 12.45 32.45
C PHE A 415 -31.16 12.57 31.58
N ALA A 416 -30.97 11.63 30.65
CA ALA A 416 -29.84 11.70 29.69
C ALA A 416 -29.77 13.01 28.95
N ALA A 417 -30.90 13.42 28.38
CA ALA A 417 -31.00 14.70 27.65
C ALA A 417 -30.63 15.87 28.54
N ASN A 418 -31.18 15.91 29.75
CA ASN A 418 -30.80 17.02 30.66
C ASN A 418 -29.31 17.00 31.06
N LEU A 419 -28.80 15.81 31.33
CA LEU A 419 -27.42 15.69 31.74
C LEU A 419 -26.51 16.09 30.58
N MET A 420 -26.75 15.55 29.39
CA MET A 420 -25.98 15.93 28.20
C MET A 420 -26.15 17.45 27.92
N ALA A 421 -27.34 17.98 28.14
CA ALA A 421 -27.59 19.43 27.91
C ALA A 421 -26.72 20.33 28.83
N PHE A 422 -26.66 19.95 30.10
CA PHE A 422 -25.85 20.65 31.11
C PHE A 422 -24.39 20.56 30.71
N ILE A 423 -23.92 19.35 30.34
CA ILE A 423 -22.51 19.20 29.90
C ILE A 423 -22.22 20.05 28.66
N ALA A 424 -23.12 20.05 27.70
CA ALA A 424 -22.95 20.85 26.50
C ALA A 424 -22.85 22.32 26.79
N LEU A 425 -23.76 22.82 27.63
CA LEU A 425 -23.78 24.24 28.01
C LEU A 425 -22.44 24.66 28.61
N HIS A 426 -21.93 23.92 29.58
CA HIS A 426 -20.71 24.36 30.25
C HIS A 426 -19.45 24.07 29.42
N ALA A 427 -19.52 23.03 28.60
CA ALA A 427 -18.46 22.79 27.60
C ALA A 427 -18.33 23.94 26.60
N HIS A 428 -19.45 24.43 26.05
CA HIS A 428 -19.36 25.46 25.03
C HIS A 428 -19.04 26.82 25.68
N ARG A 429 -19.43 26.96 26.93
CA ARG A 429 -19.08 28.15 27.71
C ARG A 429 -17.56 28.26 27.97
N THR A 430 -16.96 27.14 28.31
CA THR A 430 -15.53 27.08 28.48
C THR A 430 -14.81 27.40 27.19
N SER A 431 -15.36 26.94 26.05
CA SER A 431 -14.79 27.20 24.76
C SER A 431 -14.81 28.69 24.48
N TYR A 432 -15.93 29.33 24.79
CA TYR A 432 -16.00 30.80 24.85
C TYR A 432 -14.85 31.47 25.67
N GLU A 433 -14.70 31.09 26.95
CA GLU A 433 -13.72 31.67 27.87
C GLU A 433 -12.30 31.44 27.34
N LEU A 434 -12.07 30.25 26.80
CA LEU A 434 -10.78 29.89 26.21
C LEU A 434 -10.45 30.67 24.93
N GLY A 435 -11.47 30.96 24.13
CA GLY A 435 -11.30 31.80 22.95
C GLY A 435 -10.87 33.24 23.29
N LYS A 436 -11.44 33.80 24.37
CA LYS A 436 -10.92 35.10 24.85
C LYS A 436 -9.53 35.00 25.42
N GLU A 437 -9.26 33.94 26.18
CA GLU A 437 -7.98 33.78 26.84
C GLU A 437 -6.84 33.46 25.86
N LYS A 438 -7.10 32.60 24.87
CA LYS A 438 -6.01 32.04 24.08
C LYS A 438 -6.10 32.37 22.61
N GLY A 439 -7.20 32.95 22.18
CA GLY A 439 -7.41 33.13 20.76
C GLY A 439 -8.44 32.16 20.21
N ASN A 440 -9.22 32.65 19.27
CA ASN A 440 -10.30 31.92 18.65
C ASN A 440 -9.74 30.92 17.69
N PHE A 441 -10.50 29.85 17.36
CA PHE A 441 -10.09 28.95 16.28
C PHE A 441 -10.09 29.76 15.01
N PRO A 442 -9.02 29.63 14.20
CA PRO A 442 -8.88 30.38 12.94
C PRO A 442 -10.08 30.51 12.02
N LEU A 443 -10.94 29.48 11.92
CA LEU A 443 -12.03 29.63 10.96
C LEU A 443 -13.31 30.14 11.61
N LEU A 444 -13.22 30.63 12.84
CA LEU A 444 -14.41 31.23 13.50
C LEU A 444 -15.16 32.13 12.54
N GLU A 445 -14.41 33.01 11.89
CA GLU A 445 -14.89 34.09 11.03
C GLU A 445 -15.77 33.60 9.91
N ILE A 446 -15.42 32.46 9.33
CA ILE A 446 -16.24 31.90 8.26
C ILE A 446 -17.26 30.81 8.66
N SER A 447 -17.37 30.53 9.96
CA SER A 447 -18.35 29.54 10.44
C SER A 447 -19.76 30.11 10.62
N ARG A 448 -20.70 29.22 10.86
CA ARG A 448 -22.07 29.57 11.10
C ARG A 448 -22.24 30.21 12.48
N TYR A 449 -21.27 30.03 13.39
CA TYR A 449 -21.29 30.77 14.66
C TYR A 449 -21.12 32.28 14.42
N ARG A 450 -20.61 32.65 13.25
CA ARG A 450 -20.37 34.05 12.90
C ARG A 450 -21.36 34.50 11.85
N THR A 451 -21.47 33.76 10.76
CA THR A 451 -22.24 34.25 9.63
C THR A 451 -23.76 34.09 9.80
N GLU A 452 -24.19 33.53 10.93
CA GLU A 452 -25.62 33.27 11.15
C GLU A 452 -26.09 33.86 12.48
N ASP A 453 -27.42 33.96 12.59
CA ASP A 453 -28.09 34.10 13.86
C ASP A 453 -28.78 32.77 14.13
N ASN A 454 -28.83 32.42 15.42
CA ASN A 454 -29.56 31.25 15.95
C ASN A 454 -29.03 29.88 15.52
N PHE A 455 -27.74 29.85 15.13
CA PHE A 455 -27.13 28.57 14.77
C PHE A 455 -26.80 27.83 16.06
N VAL A 456 -27.22 26.57 16.11
CA VAL A 456 -26.92 25.70 17.25
C VAL A 456 -26.47 24.38 16.59
N PRO A 457 -25.33 23.83 17.04
CA PRO A 457 -24.84 22.65 16.35
C PRO A 457 -25.48 21.32 16.79
N PHE A 458 -26.63 21.37 17.43
CA PHE A 458 -27.43 20.17 17.67
C PHE A 458 -28.94 20.46 17.73
N ALA A 459 -29.75 19.42 17.75
CA ALA A 459 -31.19 19.66 17.66
C ALA A 459 -31.88 20.24 18.90
N MET A 460 -31.38 19.89 20.09
CA MET A 460 -32.10 20.17 21.35
C MET A 460 -33.57 19.64 21.38
N GLY A 461 -34.48 20.28 22.14
CA GLY A 461 -35.89 19.85 22.25
C GLY A 461 -36.26 18.87 23.37
N MET A 462 -35.36 18.67 24.34
CA MET A 462 -35.63 17.72 25.40
C MET A 462 -35.06 18.15 26.75
N SER A 463 -34.90 19.45 26.93
CA SER A 463 -34.31 19.98 28.14
C SER A 463 -34.71 21.42 28.49
N ASN A 464 -34.74 21.70 29.80
CA ASN A 464 -34.89 23.05 30.37
C ASN A 464 -33.71 23.95 30.07
N TYR A 465 -32.57 23.35 29.71
CA TYR A 465 -31.39 24.17 29.44
C TYR A 465 -31.38 24.84 28.07
N ASP A 466 -32.33 24.54 27.20
CA ASP A 466 -32.27 24.99 25.79
C ASP A 466 -32.04 26.47 25.62
N ASP A 467 -32.71 27.30 26.41
CA ASP A 467 -32.63 28.74 26.18
C ASP A 467 -31.28 29.27 26.58
N GLU A 468 -30.71 28.76 27.67
CA GLU A 468 -29.36 29.24 28.03
C GLU A 468 -28.36 28.78 26.97
N ILE A 469 -28.52 27.55 26.49
CA ILE A 469 -27.65 27.06 25.39
C ILE A 469 -27.66 28.01 24.18
N ARG A 470 -28.85 28.41 23.73
CA ARG A 470 -28.95 29.44 22.69
C ARG A 470 -28.16 30.71 23.01
N GLU A 471 -28.18 31.09 24.28
CA GLU A 471 -27.52 32.32 24.68
C GLU A 471 -26.02 32.14 24.55
N VAL A 472 -25.49 31.05 25.09
CA VAL A 472 -24.05 30.83 24.96
C VAL A 472 -23.61 30.73 23.49
N MET A 473 -24.42 30.13 22.63
CA MET A 473 -24.02 29.96 21.22
C MET A 473 -23.96 31.30 20.54
N LYS A 474 -24.90 32.17 20.92
CA LYS A 474 -24.87 33.57 20.50
C LYS A 474 -23.60 34.32 20.96
N MET A 475 -23.20 34.13 22.23
CA MET A 475 -21.98 34.72 22.78
C MET A 475 -20.69 34.26 22.03
N THR A 476 -20.69 32.99 21.58
CA THR A 476 -19.52 32.44 20.86
C THR A 476 -19.44 32.91 19.40
N LYS A 477 -20.36 33.77 18.97
CA LYS A 477 -20.15 34.53 17.75
C LYS A 477 -18.90 35.42 17.95
N GLU A 478 -18.63 35.77 19.20
CA GLU A 478 -17.49 36.63 19.49
C GLU A 478 -16.20 35.87 19.83
N PHE A 479 -16.27 34.95 20.79
CA PHE A 479 -15.13 34.16 21.24
C PHE A 479 -15.52 32.68 21.25
N ARG A 480 -14.68 31.84 20.65
CA ARG A 480 -14.87 30.41 20.56
C ARG A 480 -13.54 29.75 20.20
N ARG A 481 -13.06 28.85 21.05
CA ARG A 481 -11.76 28.25 20.86
C ARG A 481 -11.88 27.00 19.97
N ASN A 482 -13.10 26.46 19.84
CA ASN A 482 -13.26 25.17 19.17
C ASN A 482 -14.51 25.09 18.35
N VAL A 483 -14.42 24.45 17.19
CA VAL A 483 -15.51 24.37 16.27
C VAL A 483 -16.66 23.45 16.78
N ALA A 484 -16.27 22.42 17.53
CA ALA A 484 -17.25 21.55 18.18
C ALA A 484 -16.53 20.92 19.38
N LEU A 485 -17.27 20.47 20.40
CA LEU A 485 -16.67 19.96 21.66
C LEU A 485 -17.03 18.62 22.20
N LEU A 486 -18.06 17.97 21.66
CA LEU A 486 -18.65 16.85 22.44
C LEU A 486 -18.88 15.64 21.61
N THR A 487 -18.85 14.49 22.26
CA THR A 487 -19.17 13.25 21.56
C THR A 487 -19.52 12.21 22.59
N ILE A 488 -20.08 11.06 22.19
CA ILE A 488 -19.97 9.93 23.09
C ILE A 488 -19.31 8.77 22.36
N ALA A 489 -18.25 8.26 22.95
CA ALA A 489 -17.33 7.33 22.32
C ALA A 489 -17.69 5.95 22.90
N PRO A 490 -17.17 4.88 22.30
CA PRO A 490 -17.42 3.56 22.89
C PRO A 490 -16.76 3.41 24.27
N THR A 491 -15.60 4.04 24.48
CA THR A 491 -14.78 3.87 25.73
C THR A 491 -14.41 2.44 26.07
N GLY A 492 -14.16 1.64 25.04
CA GLY A 492 -13.91 0.21 25.24
C GLY A 492 -12.76 -0.05 26.21
N SER A 493 -11.72 0.79 26.24
CA SER A 493 -10.62 0.51 27.16
C SER A 493 -10.64 1.39 28.38
N ILE A 494 -10.94 2.66 28.17
CA ILE A 494 -10.75 3.53 29.27
C ILE A 494 -11.85 3.39 30.32
N SER A 495 -13.00 2.78 29.98
CA SER A 495 -14.05 2.56 30.99
C SER A 495 -13.60 1.36 31.86
N ASN A 496 -12.87 0.43 31.27
CA ASN A 496 -12.26 -0.70 31.99
C ASN A 496 -11.26 -0.21 33.04
N ILE A 497 -10.45 0.74 32.61
CA ILE A 497 -9.49 1.43 33.46
C ILE A 497 -10.14 2.15 34.60
N ALA A 498 -11.20 2.92 34.30
CA ALA A 498 -11.94 3.65 35.33
C ALA A 498 -12.89 2.78 36.13
N ASP A 499 -12.98 1.49 35.79
CA ASP A 499 -13.84 0.52 36.50
C ASP A 499 -15.32 0.96 36.48
N THR A 500 -15.84 1.25 35.28
CA THR A 500 -17.18 1.77 35.17
C THR A 500 -17.82 1.31 33.84
N SER A 501 -19.10 1.60 33.66
CA SER A 501 -19.76 1.17 32.42
C SER A 501 -19.25 2.00 31.23
N SER A 502 -19.45 1.46 30.05
CA SER A 502 -18.80 1.96 28.85
C SER A 502 -19.70 3.00 28.26
N GLY A 503 -19.22 4.23 28.04
CA GLY A 503 -19.96 5.16 27.22
C GLY A 503 -21.37 5.41 27.71
N LEU A 504 -22.30 5.62 26.79
CA LEU A 504 -23.71 5.74 27.16
C LEU A 504 -24.37 4.38 27.17
N GLU A 505 -23.61 3.32 26.92
CA GLU A 505 -24.18 1.96 26.78
C GLU A 505 -24.66 1.32 28.09
N PRO A 506 -25.73 0.48 28.00
CA PRO A 506 -26.09 -0.31 29.19
C PRO A 506 -25.09 -1.43 29.43
N ASN A 507 -25.05 -1.95 30.65
CA ASN A 507 -24.12 -2.97 30.93
C ASN A 507 -24.47 -4.14 30.07
N PHE A 508 -23.49 -4.77 29.47
CA PHE A 508 -23.85 -5.93 28.71
C PHE A 508 -24.25 -7.08 29.62
N LEU A 509 -23.49 -7.30 30.69
CA LEU A 509 -23.84 -8.33 31.69
C LEU A 509 -23.59 -7.76 33.08
N LEU A 510 -24.30 -8.26 34.11
CA LEU A 510 -24.10 -7.88 35.54
C LEU A 510 -23.09 -8.75 36.31
N ALA A 511 -22.84 -9.94 35.79
CA ALA A 511 -21.91 -10.86 36.39
C ALA A 511 -21.33 -11.77 35.33
N TYR A 512 -20.07 -12.16 35.53
CA TYR A 512 -19.41 -13.09 34.64
C TYR A 512 -18.13 -13.57 35.29
N THR A 513 -17.59 -14.67 34.75
CA THR A 513 -16.32 -15.15 35.24
C THR A 513 -15.21 -14.59 34.37
N ARG A 514 -14.28 -13.91 35.02
CA ARG A 514 -13.01 -13.55 34.38
C ARG A 514 -11.93 -14.42 35.01
N PHE A 515 -10.86 -14.69 34.25
CA PHE A 515 -9.79 -15.53 34.74
C PHE A 515 -8.51 -14.72 34.96
N VAL A 516 -7.95 -14.83 36.16
CA VAL A 516 -6.64 -14.25 36.46
C VAL A 516 -5.54 -15.32 36.27
N THR A 517 -4.66 -15.04 35.30
CA THR A 517 -3.51 -15.89 35.00
C THR A 517 -2.49 -15.88 36.15
N LYS A 518 -2.07 -17.08 36.55
CA LYS A 518 -1.19 -17.29 37.69
C LYS A 518 0.04 -18.13 37.31
N GLU A 519 1.10 -18.01 38.10
CA GLU A 519 2.33 -18.79 37.86
C GLU A 519 2.11 -20.29 38.13
N ASP A 520 1.49 -20.59 39.28
CA ASP A 520 1.28 -21.96 39.74
C ASP A 520 -0.20 -22.29 39.98
N GLY A 521 -0.87 -22.84 38.96
CA GLY A 521 -2.30 -23.16 39.05
C GLY A 521 -2.91 -23.90 37.86
N THR A 522 -3.37 -23.18 36.84
CA THR A 522 -3.37 -21.72 36.80
C THR A 522 -4.56 -21.20 37.67
N LYS A 523 -5.79 -20.94 37.16
CA LYS A 523 -6.16 -20.53 35.79
C LYS A 523 -6.52 -19.02 35.75
N GLU A 524 -7.46 -18.53 36.57
CA GLU A 524 -8.37 -19.29 37.44
C GLU A 524 -9.70 -18.53 37.57
N PRO A 525 -10.84 -19.24 37.82
CA PRO A 525 -12.10 -18.60 38.21
C PRO A 525 -11.96 -17.38 39.12
N LEU A 526 -12.63 -16.30 38.71
CA LEU A 526 -12.66 -15.04 39.43
C LEU A 526 -14.02 -14.44 39.04
N LEU A 527 -14.99 -14.52 39.94
CA LEU A 527 -16.35 -14.03 39.68
C LEU A 527 -16.41 -12.52 39.80
N TYR A 528 -16.91 -11.86 38.76
CA TYR A 528 -17.17 -10.43 38.83
C TYR A 528 -18.66 -10.19 38.91
N VAL A 529 -19.09 -9.36 39.86
CA VAL A 529 -20.44 -8.88 39.88
C VAL A 529 -20.40 -7.37 39.87
N ASN A 530 -21.33 -6.76 39.12
CA ASN A 530 -21.47 -5.32 39.06
C ASN A 530 -21.47 -4.70 40.44
N GLN A 531 -20.63 -3.70 40.67
CA GLN A 531 -20.45 -3.15 42.00
C GLN A 531 -21.69 -2.51 42.57
N VAL A 532 -22.47 -1.86 41.73
CA VAL A 532 -23.72 -1.25 42.23
C VAL A 532 -24.74 -2.38 42.57
N LEU A 533 -24.75 -3.46 41.78
CA LEU A 533 -25.59 -4.60 42.14
C LEU A 533 -25.16 -5.13 43.51
N ARG A 534 -23.85 -5.30 43.69
CA ARG A 534 -23.29 -5.74 44.96
C ARG A 534 -23.77 -4.87 46.11
N GLU A 535 -23.74 -3.55 45.93
CA GLU A 535 -24.21 -2.58 46.93
C GLU A 535 -25.71 -2.60 47.25
N LYS A 536 -26.56 -2.91 46.27
CA LYS A 536 -28.00 -2.78 46.45
C LYS A 536 -28.72 -4.09 46.74
N LEU A 537 -28.23 -5.19 46.19
CA LEU A 537 -28.90 -6.46 46.36
C LEU A 537 -28.41 -7.13 47.64
N ASN A 538 -29.32 -7.81 48.32
CA ASN A 538 -29.02 -8.58 49.54
C ASN A 538 -27.92 -9.62 49.28
N PRO A 539 -26.78 -9.56 50.03
CA PRO A 539 -25.67 -10.49 49.80
C PRO A 539 -26.11 -11.95 49.89
N GLU A 540 -27.20 -12.16 50.62
CA GLU A 540 -27.78 -13.48 50.72
C GLU A 540 -28.48 -13.87 49.42
N ILE A 541 -29.33 -12.98 48.90
CA ILE A 541 -29.94 -13.10 47.55
C ILE A 541 -28.89 -13.32 46.48
N LEU A 542 -27.88 -12.45 46.45
CA LEU A 542 -26.77 -12.50 45.50
C LEU A 542 -26.19 -13.91 45.37
N LYS A 543 -25.87 -14.53 46.51
CA LYS A 543 -25.15 -15.80 46.49
C LYS A 543 -26.02 -16.93 45.94
N ARG A 544 -27.31 -16.84 46.21
CA ARG A 544 -28.29 -17.79 45.69
C ARG A 544 -28.36 -17.69 44.15
N ILE A 545 -28.77 -16.52 43.66
CA ILE A 545 -29.02 -16.26 42.22
C ILE A 545 -27.78 -16.23 41.30
N GLU A 546 -26.61 -15.85 41.84
CA GLU A 546 -25.37 -15.64 41.07
C GLU A 546 -25.19 -16.66 39.97
N LYS A 547 -25.53 -17.90 40.30
CA LYS A 547 -25.34 -19.05 39.44
C LYS A 547 -26.22 -18.94 38.20
N GLU A 548 -27.51 -18.67 38.41
CA GLU A 548 -28.49 -18.56 37.33
C GLU A 548 -28.27 -17.29 36.49
N LEU A 549 -27.77 -16.23 37.14
CA LEU A 549 -27.47 -14.95 36.50
C LEU A 549 -26.36 -15.08 35.46
N ILE A 550 -25.27 -15.76 35.82
CA ILE A 550 -24.22 -16.06 34.84
C ILE A 550 -24.71 -17.01 33.73
N GLU A 551 -25.48 -18.02 34.10
CA GLU A 551 -26.14 -18.92 33.11
C GLU A 551 -27.08 -18.16 32.12
N LYS A 552 -27.93 -17.27 32.65
CA LYS A 552 -29.02 -16.70 31.87
C LYS A 552 -28.73 -15.33 31.25
N GLY A 553 -27.81 -14.60 31.87
CA GLY A 553 -27.32 -13.33 31.36
C GLY A 553 -28.16 -12.13 31.74
N SER A 554 -29.16 -12.34 32.58
CA SER A 554 -30.11 -11.30 32.99
C SER A 554 -30.75 -11.71 34.30
N LEU A 555 -31.28 -10.73 35.03
CA LEU A 555 -32.08 -10.99 36.22
C LEU A 555 -33.53 -11.28 35.89
N LYS A 556 -33.95 -10.99 34.65
CA LYS A 556 -35.37 -10.91 34.30
C LYS A 556 -36.18 -12.11 34.79
N ASP A 557 -35.69 -13.33 34.51
CA ASP A 557 -36.43 -14.56 34.83
C ASP A 557 -35.81 -15.31 36.00
N ILE A 558 -35.37 -14.59 37.01
CA ILE A 558 -34.93 -15.25 38.23
C ILE A 558 -36.02 -15.11 39.31
N PRO A 559 -36.49 -16.26 39.85
CA PRO A 559 -37.44 -16.24 40.95
C PRO A 559 -36.92 -15.57 42.22
N ASP A 560 -37.73 -14.69 42.77
CA ASP A 560 -37.50 -14.12 44.11
C ASP A 560 -36.31 -13.14 44.20
N VAL A 561 -36.08 -12.39 43.12
CA VAL A 561 -35.33 -11.12 43.21
C VAL A 561 -36.38 -10.01 43.09
N PRO A 562 -36.31 -8.99 43.97
CA PRO A 562 -37.39 -8.00 43.98
C PRO A 562 -37.62 -7.40 42.61
N GLU A 563 -38.88 -7.07 42.34
CA GLU A 563 -39.25 -6.52 41.05
C GLU A 563 -38.45 -5.25 40.73
N LYS A 564 -38.33 -4.35 41.69
CA LYS A 564 -37.60 -3.09 41.50
C LYS A 564 -36.12 -3.26 41.15
N ILE A 565 -35.52 -4.37 41.59
CA ILE A 565 -34.14 -4.64 41.27
C ILE A 565 -34.08 -5.13 39.83
N LYS A 566 -34.99 -6.04 39.46
CA LYS A 566 -35.00 -6.51 38.09
C LYS A 566 -35.27 -5.36 37.11
N LYS A 567 -36.04 -4.37 37.53
CA LYS A 567 -36.39 -3.28 36.64
C LYS A 567 -35.25 -2.29 36.52
N VAL A 568 -34.52 -2.07 37.58
CA VAL A 568 -33.40 -1.12 37.52
C VAL A 568 -32.19 -1.79 36.83
N PHE A 569 -31.84 -2.98 37.27
CA PHE A 569 -30.62 -3.63 36.84
C PHE A 569 -30.83 -4.40 35.57
N VAL A 570 -31.24 -3.66 34.55
CA VAL A 570 -31.31 -4.19 33.19
C VAL A 570 -29.96 -4.15 32.47
N VAL A 571 -29.75 -5.15 31.62
CA VAL A 571 -28.60 -5.19 30.76
C VAL A 571 -29.02 -4.94 29.29
N ALA A 572 -28.03 -4.88 28.40
CA ALA A 572 -28.23 -4.53 26.98
C ALA A 572 -29.38 -5.34 26.33
N LEU A 573 -29.35 -6.66 26.51
CA LEU A 573 -30.45 -7.48 25.95
C LEU A 573 -31.83 -7.51 26.62
N ASP A 574 -31.97 -6.96 27.84
CA ASP A 574 -33.30 -6.68 28.43
C ASP A 574 -33.96 -5.48 27.76
N ILE A 575 -33.18 -4.72 27.04
CA ILE A 575 -33.63 -3.42 26.56
C ILE A 575 -33.93 -3.58 25.07
N ASP A 576 -35.12 -3.21 24.65
CA ASP A 576 -35.51 -3.53 23.30
C ASP A 576 -34.90 -2.53 22.33
N PRO A 577 -34.81 -2.92 21.05
CA PRO A 577 -34.17 -2.05 20.04
C PRO A 577 -34.68 -0.63 20.05
N MET A 578 -36.00 -0.41 20.09
CA MET A 578 -36.43 1.01 20.13
C MET A 578 -35.96 1.75 21.35
N ASP A 579 -35.83 1.06 22.47
CA ASP A 579 -35.39 1.78 23.65
C ASP A 579 -33.88 2.09 23.56
N HIS A 580 -33.11 1.24 22.87
CA HIS A 580 -31.73 1.62 22.56
C HIS A 580 -31.65 2.88 21.66
N LEU A 581 -32.47 2.88 20.63
CA LEU A 581 -32.47 3.97 19.63
C LEU A 581 -32.92 5.28 20.18
N LEU A 582 -33.97 5.26 20.97
CA LEU A 582 -34.41 6.50 21.62
C LEU A 582 -33.40 6.99 22.63
N MET A 583 -32.67 6.13 23.32
CA MET A 583 -31.59 6.70 24.14
C MET A 583 -30.53 7.50 23.34
N GLN A 584 -30.04 6.91 22.25
CA GLN A 584 -29.14 7.58 21.30
C GLN A 584 -29.72 8.93 20.85
N ASP A 585 -31.00 8.92 20.50
CA ASP A 585 -31.66 10.18 20.11
C ASP A 585 -31.59 11.23 21.24
N ALA A 586 -31.77 10.83 22.51
CA ALA A 586 -31.74 11.79 23.63
C ALA A 586 -30.38 12.44 23.79
N PHE A 587 -29.30 11.64 23.72
CA PHE A 587 -27.96 12.28 23.82
C PHE A 587 -27.66 13.03 22.50
N GLN A 588 -28.04 12.52 21.34
CA GLN A 588 -27.59 13.20 20.10
C GLN A 588 -28.12 14.64 20.07
N ARG A 589 -29.20 14.87 20.81
CA ARG A 589 -29.86 16.18 20.72
C ARG A 589 -28.95 17.25 21.31
N TYR A 590 -27.95 16.82 22.09
CA TYR A 590 -27.08 17.79 22.83
C TYR A 590 -25.61 17.48 22.63
N VAL A 591 -25.32 16.87 21.48
CA VAL A 591 -23.95 16.53 21.09
C VAL A 591 -23.73 17.10 19.69
N ASP A 592 -22.69 17.91 19.53
CA ASP A 592 -22.36 18.52 18.25
C ASP A 592 -21.60 17.60 17.29
N ASN A 593 -20.89 16.58 17.79
CA ASN A 593 -20.29 15.56 16.94
C ASN A 593 -21.34 14.47 16.92
N ASN A 594 -20.95 13.20 16.80
CA ASN A 594 -21.97 12.12 16.76
C ASN A 594 -21.86 11.27 18.03
N ILE A 595 -22.50 10.11 18.00
CA ILE A 595 -22.56 9.22 19.16
C ILE A 595 -22.23 7.78 18.78
N SER A 596 -21.44 7.11 19.61
CA SER A 596 -21.31 5.66 19.36
C SER A 596 -22.38 4.87 20.14
N LYS A 597 -23.25 4.12 19.41
CA LYS A 597 -24.34 3.40 20.07
C LYS A 597 -24.63 2.18 19.21
N THR A 598 -24.58 1.01 19.84
CA THR A 598 -25.01 -0.25 19.19
C THR A 598 -26.48 -0.46 19.49
N ILE A 599 -27.28 -0.71 18.45
CA ILE A 599 -28.69 -1.01 18.69
C ILE A 599 -28.74 -2.53 18.82
N ASN A 600 -28.75 -3.04 20.06
CA ASN A 600 -28.75 -4.49 20.25
C ASN A 600 -30.09 -5.06 19.89
N MET A 601 -30.08 -6.23 19.27
CA MET A 601 -31.36 -6.84 18.91
C MET A 601 -31.37 -8.29 19.34
N PRO A 602 -32.53 -8.80 19.76
CA PRO A 602 -32.65 -10.15 20.24
C PRO A 602 -32.36 -11.14 19.10
N GLN A 603 -31.89 -12.33 19.42
CA GLN A 603 -31.68 -13.32 18.35
C GLN A 603 -32.94 -13.52 17.53
N SER A 604 -34.08 -13.31 18.17
CA SER A 604 -35.36 -13.59 17.56
C SER A 604 -35.88 -12.41 16.73
N ALA A 605 -35.14 -11.29 16.66
CA ALA A 605 -35.46 -10.21 15.70
C ALA A 605 -35.38 -10.75 14.27
N THR A 606 -36.26 -10.24 13.39
CA THR A 606 -36.26 -10.51 11.96
C THR A 606 -35.65 -9.32 11.17
N VAL A 607 -35.41 -9.53 9.87
CA VAL A 607 -35.01 -8.44 8.95
C VAL A 607 -36.04 -7.32 8.92
N ASP A 608 -37.34 -7.64 8.90
CA ASP A 608 -38.39 -6.57 9.08
C ASP A 608 -38.18 -5.68 10.31
N ASP A 609 -37.89 -6.30 11.47
CA ASP A 609 -37.50 -5.56 12.71
C ASP A 609 -36.30 -4.61 12.50
N VAL A 610 -35.32 -5.05 11.71
CA VAL A 610 -34.11 -4.21 11.45
C VAL A 610 -34.53 -3.00 10.60
N LEU A 611 -35.30 -3.27 9.54
CA LEU A 611 -35.88 -2.17 8.73
C LEU A 611 -36.62 -1.10 9.53
N ASN A 612 -37.42 -1.59 10.47
CA ASN A 612 -38.19 -0.72 11.34
C ASN A 612 -37.28 0.14 12.20
N VAL A 613 -36.15 -0.42 12.65
CA VAL A 613 -35.13 0.43 13.36
C VAL A 613 -34.61 1.52 12.41
N TYR A 614 -34.26 1.13 11.18
CA TYR A 614 -33.78 2.12 10.19
C TYR A 614 -34.85 3.16 9.94
N LEU A 615 -36.10 2.75 9.75
CA LEU A 615 -37.18 3.76 9.53
C LEU A 615 -37.36 4.74 10.72
N GLU A 616 -37.34 4.22 11.93
CA GLU A 616 -37.46 5.05 13.10
C GLU A 616 -36.22 5.95 13.24
N ALA A 617 -35.05 5.43 12.83
CA ALA A 617 -33.78 6.16 12.87
C ALA A 617 -33.91 7.38 11.97
N LEU A 618 -34.57 7.20 10.83
CA LEU A 618 -34.79 8.31 9.90
C LEU A 618 -35.66 9.40 10.47
N ARG A 619 -36.51 9.05 11.44
CA ARG A 619 -37.43 10.01 12.02
C ARG A 619 -36.85 10.65 13.24
N THR A 620 -35.88 10.02 13.90
CA THR A 620 -35.27 10.65 15.07
C THR A 620 -34.14 11.61 14.65
N ASN A 621 -33.38 12.11 15.64
CA ASN A 621 -32.26 12.98 15.36
C ASN A 621 -30.91 12.28 15.33
N VAL A 622 -30.90 10.95 15.17
CA VAL A 622 -29.61 10.28 15.23
C VAL A 622 -28.83 10.60 13.98
N ARG A 623 -27.50 10.53 14.08
CA ARG A 623 -26.65 10.80 12.88
C ARG A 623 -26.14 9.56 12.15
N GLY A 624 -26.35 8.41 12.76
CA GLY A 624 -26.03 7.13 12.08
C GLY A 624 -26.57 6.02 12.94
N ILE A 625 -26.47 4.80 12.41
CA ILE A 625 -26.99 3.57 13.02
C ILE A 625 -25.97 2.48 12.90
N THR A 626 -25.76 1.77 14.02
CA THR A 626 -25.12 0.43 14.04
C THR A 626 -26.09 -0.52 14.77
N VAL A 627 -26.34 -1.68 14.15
CA VAL A 627 -27.13 -2.75 14.79
C VAL A 627 -26.30 -4.04 15.00
N TYR A 628 -26.59 -4.74 16.08
CA TYR A 628 -25.97 -5.99 16.30
C TYR A 628 -27.01 -6.97 16.82
N ARG A 629 -27.26 -8.03 16.07
CA ARG A 629 -28.25 -9.00 16.52
C ARG A 629 -27.56 -10.09 17.29
N ASP A 630 -28.02 -10.32 18.50
CA ASP A 630 -27.38 -11.27 19.41
C ASP A 630 -27.32 -12.64 18.74
N GLY A 631 -26.19 -13.32 18.80
CA GLY A 631 -26.08 -14.64 18.17
C GLY A 631 -25.78 -14.65 16.69
N SER A 632 -25.70 -13.47 16.08
CA SER A 632 -25.52 -13.47 14.64
C SER A 632 -24.09 -13.82 14.18
N LEU A 633 -23.06 -13.33 14.90
CA LEU A 633 -21.66 -13.60 14.51
C LEU A 633 -21.01 -14.78 15.25
N MET B 1 27.09 -8.56 -47.23
CA MET B 1 25.98 -7.84 -47.89
C MET B 1 25.76 -6.53 -47.15
N LYS B 2 25.37 -5.50 -47.89
CA LYS B 2 25.02 -4.24 -47.27
C LYS B 2 23.66 -4.39 -46.60
N LEU B 3 23.48 -3.65 -45.52
CA LEU B 3 22.26 -3.73 -44.73
C LEU B 3 21.09 -3.36 -45.59
N SER B 4 21.21 -2.31 -46.42
CA SER B 4 20.07 -1.92 -47.27
C SER B 4 19.63 -3.07 -48.15
N ASP B 5 20.59 -3.94 -48.49
CA ASP B 5 20.24 -5.10 -49.34
C ASP B 5 19.63 -6.25 -48.55
N LEU B 6 20.11 -6.44 -47.32
CA LEU B 6 19.44 -7.36 -46.40
C LEU B 6 18.00 -6.91 -46.13
N ILE B 7 17.83 -5.62 -45.91
CA ILE B 7 16.52 -5.05 -45.68
C ILE B 7 15.58 -5.39 -46.80
N SER B 8 16.05 -5.22 -48.05
CA SER B 8 15.24 -5.53 -49.24
C SER B 8 14.90 -7.02 -49.25
N ARG B 9 15.75 -7.85 -48.66
CA ARG B 9 15.38 -9.27 -48.53
C ARG B 9 14.22 -9.56 -47.56
N TRP B 10 14.05 -8.70 -46.55
CA TRP B 10 13.10 -9.00 -45.47
C TRP B 10 11.91 -8.04 -45.39
N ILE B 11 12.05 -6.86 -45.98
CA ILE B 11 11.07 -5.80 -45.74
C ILE B 11 9.65 -6.17 -46.21
N ASP B 12 9.55 -7.09 -47.17
CA ASP B 12 8.23 -7.38 -47.72
C ASP B 12 7.72 -8.76 -47.33
N VAL B 13 8.52 -9.45 -46.52
CA VAL B 13 8.04 -10.67 -45.87
C VAL B 13 7.07 -10.29 -44.76
N GLU B 14 5.84 -10.72 -44.97
CA GLU B 14 4.72 -10.33 -44.17
C GLU B 14 4.76 -11.14 -42.85
N PRO B 15 4.42 -10.50 -41.72
CA PRO B 15 4.30 -11.27 -40.49
C PRO B 15 3.37 -12.46 -40.69
N SER B 16 3.69 -13.61 -40.08
CA SER B 16 2.78 -14.76 -40.14
C SER B 16 1.37 -14.45 -39.62
N LYS B 17 0.43 -15.33 -39.96
CA LYS B 17 -0.93 -15.27 -39.43
C LYS B 17 -0.95 -15.23 -37.91
N ASN B 18 0.01 -15.91 -37.29
CA ASN B 18 0.13 -15.93 -35.83
C ASN B 18 0.60 -14.57 -35.31
N ALA B 19 1.61 -14.01 -35.97
CA ALA B 19 2.13 -12.70 -35.61
C ALA B 19 1.06 -11.60 -35.78
N GLN B 20 0.32 -11.67 -36.88
CA GLN B 20 -0.73 -10.67 -37.15
C GLN B 20 -1.84 -10.66 -36.10
N ILE B 21 -2.14 -11.83 -35.56
CA ILE B 21 -3.13 -11.98 -34.49
C ILE B 21 -2.70 -11.27 -33.24
N ILE B 22 -1.46 -11.51 -32.80
CA ILE B 22 -0.90 -10.82 -31.63
C ILE B 22 -0.87 -9.32 -31.82
N LEU B 23 -0.42 -8.88 -32.99
CA LEU B 23 -0.37 -7.47 -33.30
C LEU B 23 -1.75 -6.80 -33.20
N ARG B 24 -2.76 -7.41 -33.82
CA ARG B 24 -4.14 -6.86 -33.79
C ARG B 24 -4.63 -6.83 -32.38
N ASP B 25 -4.34 -7.91 -31.69
CA ASP B 25 -4.75 -8.09 -30.34
C ASP B 25 -4.20 -7.07 -29.38
N ARG B 26 -2.90 -6.80 -29.45
CA ARG B 26 -2.21 -5.99 -28.43
C ARG B 26 -1.45 -4.77 -28.92
N TYR B 27 -1.06 -4.76 -30.20
CA TYR B 27 -0.06 -3.77 -30.70
C TYR B 27 -0.64 -2.62 -31.55
N PHE B 28 -1.59 -2.94 -32.42
CA PHE B 28 -2.18 -1.90 -33.29
C PHE B 28 -3.00 -0.89 -32.50
N MET B 29 -2.75 0.42 -32.65
CA MET B 29 -3.55 1.42 -31.93
C MET B 29 -5.03 1.38 -32.35
N LYS B 30 -5.92 1.67 -31.39
CA LYS B 30 -7.34 1.81 -31.64
C LYS B 30 -7.76 3.20 -31.17
N ASP B 31 -8.86 3.73 -31.72
CA ASP B 31 -9.41 5.03 -31.28
C ASP B 31 -10.41 4.88 -30.13
N LEU B 32 -10.87 6.02 -29.59
CA LEU B 32 -11.82 6.06 -28.47
C LEU B 32 -13.03 5.11 -28.55
N ASP B 33 -13.30 4.54 -29.72
CA ASP B 33 -14.43 3.64 -29.90
C ASP B 33 -14.04 2.19 -30.20
N GLY B 34 -12.74 1.88 -30.09
CA GLY B 34 -12.20 0.55 -30.39
C GLY B 34 -11.97 0.32 -31.87
N ASN B 35 -11.95 1.40 -32.63
CA ASN B 35 -11.68 1.28 -34.06
C ASN B 35 -10.19 1.32 -34.32
N TYR B 36 -9.72 0.44 -35.19
CA TYR B 36 -8.30 0.36 -35.51
C TYR B 36 -7.76 1.58 -36.27
N LEU B 37 -6.72 2.18 -35.71
CA LEU B 37 -6.00 3.26 -36.35
C LEU B 37 -4.82 2.71 -37.10
N GLU B 38 -4.49 1.45 -36.81
CA GLU B 38 -3.40 0.74 -37.43
C GLU B 38 -3.94 -0.60 -37.78
N THR B 39 -3.55 -1.12 -38.93
CA THR B 39 -4.08 -2.40 -39.39
C THR B 39 -2.99 -3.35 -39.89
N LYS B 40 -1.78 -2.80 -40.01
CA LYS B 40 -0.63 -3.59 -40.43
C LYS B 40 0.64 -3.19 -39.70
N TRP B 41 1.60 -4.12 -39.69
CA TRP B 41 2.88 -3.91 -39.03
C TRP B 41 3.56 -2.66 -39.54
N GLU B 42 3.51 -2.43 -40.84
CA GLU B 42 4.10 -1.25 -41.41
C GLU B 42 3.61 0.06 -40.74
N ASP B 43 2.34 0.09 -40.31
CA ASP B 43 1.76 1.24 -39.59
C ASP B 43 2.49 1.39 -38.27
N VAL B 44 2.71 0.28 -37.57
CA VAL B 44 3.48 0.31 -36.28
C VAL B 44 4.90 0.76 -36.53
N ALA B 45 5.59 0.15 -37.48
CA ALA B 45 6.94 0.59 -37.83
C ALA B 45 7.06 2.08 -38.16
N ARG B 46 6.06 2.67 -38.80
CA ARG B 46 6.10 4.10 -39.19
C ARG B 46 6.02 5.03 -37.97
N ARG B 47 5.05 4.76 -37.11
CA ARG B 47 4.78 5.53 -35.88
C ARG B 47 6.00 5.44 -34.97
N VAL B 48 6.52 4.24 -34.77
CA VAL B 48 7.66 4.02 -33.86
C VAL B 48 8.94 4.70 -34.39
N ALA B 49 9.32 4.42 -35.62
CA ALA B 49 10.38 5.16 -36.32
C ALA B 49 10.31 6.70 -36.16
N ARG B 50 9.14 7.26 -36.43
CA ARG B 50 8.95 8.71 -36.49
C ARG B 50 9.13 9.32 -35.12
N VAL B 51 8.51 8.67 -34.12
CA VAL B 51 8.60 9.15 -32.73
C VAL B 51 10.03 9.08 -32.21
N VAL B 52 10.74 7.98 -32.48
CA VAL B 52 12.12 7.85 -31.98
C VAL B 52 13.11 8.76 -32.75
N ALA B 53 12.85 8.97 -34.04
CA ALA B 53 13.64 9.89 -34.86
C ALA B 53 13.53 11.30 -34.37
N THR B 54 12.39 11.61 -33.77
CA THR B 54 12.14 12.93 -33.23
C THR B 54 13.22 13.32 -32.25
N ALA B 55 13.81 12.34 -31.55
CA ALA B 55 14.92 12.66 -30.62
C ALA B 55 16.06 13.46 -31.23
N GLU B 56 16.18 13.41 -32.56
CA GLU B 56 17.31 14.04 -33.25
C GLU B 56 17.16 15.57 -33.32
N LEU B 57 15.98 16.03 -32.95
CA LEU B 57 15.68 17.44 -32.69
C LEU B 57 16.66 18.00 -31.66
N LEU B 58 17.08 17.18 -30.71
CA LEU B 58 17.94 17.59 -29.61
C LEU B 58 19.44 17.38 -29.86
N ASN B 59 19.77 17.00 -31.08
CA ASN B 59 21.16 16.68 -31.45
C ASN B 59 21.95 17.99 -31.63
N PRO B 60 22.93 18.24 -30.72
CA PRO B 60 23.60 19.54 -30.79
C PRO B 60 24.51 19.64 -32.02
N SER B 61 24.85 18.51 -32.62
CA SER B 61 25.71 18.45 -33.80
C SER B 61 25.03 19.00 -35.06
N TYR B 62 23.71 18.90 -35.13
CA TYR B 62 23.00 19.42 -36.29
C TYR B 62 22.75 20.92 -36.13
N LYS B 63 22.93 21.66 -37.21
CA LYS B 63 22.42 23.05 -37.24
C LYS B 63 20.91 23.02 -37.52
N LYS B 64 20.17 23.93 -36.89
CA LYS B 64 18.83 24.26 -37.38
C LYS B 64 19.14 24.75 -38.79
N ASN B 65 18.75 23.95 -39.79
CA ASN B 65 19.25 24.12 -41.15
C ASN B 65 19.30 22.76 -41.86
N GLU B 66 19.87 21.77 -41.19
CA GLU B 66 20.00 20.41 -41.72
C GLU B 66 19.11 19.45 -40.95
N LYS B 67 18.59 19.92 -39.81
CA LYS B 67 17.90 19.06 -38.86
C LYS B 67 16.81 18.26 -39.55
N LEU B 68 15.96 18.94 -40.32
CA LEU B 68 14.87 18.24 -41.02
C LEU B 68 15.37 17.09 -41.91
N ASP B 69 16.44 17.34 -42.67
CA ASP B 69 17.04 16.32 -43.56
C ASP B 69 17.52 15.11 -42.78
N ARG B 70 18.25 15.41 -41.73
CA ARG B 70 18.88 14.42 -40.87
C ARG B 70 17.83 13.62 -40.13
N ILE B 71 16.79 14.31 -39.66
CA ILE B 71 15.70 13.63 -38.94
C ILE B 71 15.02 12.66 -39.87
N LYS B 72 14.68 13.14 -41.06
CA LYS B 72 13.96 12.29 -42.00
C LYS B 72 14.82 11.08 -42.40
N GLU B 73 16.13 11.26 -42.41
CA GLU B 73 17.02 10.16 -42.76
C GLU B 73 17.00 9.09 -41.70
N TRP B 74 16.93 9.53 -40.44
CA TRP B 74 16.95 8.61 -39.30
C TRP B 74 15.58 7.95 -39.24
N GLU B 75 14.52 8.74 -39.40
CA GLU B 75 13.21 8.11 -39.47
C GLU B 75 13.18 7.03 -40.53
N ASP B 76 13.79 7.31 -41.71
CA ASP B 76 13.70 6.38 -42.86
C ASP B 76 14.44 5.10 -42.51
N ILE B 77 15.66 5.21 -42.01
CA ILE B 77 16.42 4.00 -41.63
C ILE B 77 15.74 3.21 -40.50
N PHE B 78 15.21 3.91 -39.48
CA PHE B 78 14.54 3.23 -38.37
C PHE B 78 13.38 2.47 -38.98
N PHE B 79 12.56 3.15 -39.81
CA PHE B 79 11.40 2.52 -40.41
C PHE B 79 11.72 1.27 -41.19
N ARG B 80 12.74 1.34 -42.02
CA ARG B 80 13.09 0.15 -42.83
C ARG B 80 13.52 -1.08 -41.98
N VAL B 81 14.43 -0.91 -41.05
CA VAL B 81 14.82 -2.11 -40.20
C VAL B 81 13.66 -2.67 -39.38
N LEU B 82 12.83 -1.78 -38.85
CA LEU B 82 11.65 -2.18 -38.11
C LEU B 82 10.63 -2.92 -38.97
N LYS B 83 10.34 -2.39 -40.16
CA LYS B 83 9.34 -3.03 -40.99
C LYS B 83 9.90 -4.40 -41.41
N ALA B 84 11.20 -4.43 -41.71
CA ALA B 84 11.86 -5.70 -42.03
C ALA B 84 11.98 -6.64 -40.81
N ARG B 85 11.68 -6.12 -39.63
CA ARG B 85 11.73 -6.96 -38.39
C ARG B 85 13.15 -7.54 -38.13
N LEU B 86 14.16 -6.75 -38.48
CA LEU B 86 15.56 -7.13 -38.19
C LEU B 86 15.96 -6.73 -36.76
N PHE B 87 15.26 -5.72 -36.23
CA PHE B 87 15.43 -5.21 -34.87
C PHE B 87 14.03 -4.81 -34.44
N ILE B 88 13.68 -5.11 -33.20
CA ILE B 88 12.40 -4.65 -32.65
C ILE B 88 12.66 -4.19 -31.23
N PRO B 89 12.17 -2.98 -30.85
CA PRO B 89 12.33 -2.53 -29.42
C PRO B 89 11.40 -3.27 -28.45
N ASN B 90 11.65 -3.15 -27.14
CA ASN B 90 10.76 -3.85 -26.19
C ASN B 90 9.26 -3.41 -26.34
N SER B 91 8.31 -4.27 -25.97
CA SER B 91 6.87 -3.90 -26.06
C SER B 91 6.39 -2.50 -25.71
N PRO B 92 6.79 -1.96 -24.54
CA PRO B 92 6.29 -0.64 -24.20
C PRO B 92 6.55 0.39 -25.30
N THR B 93 7.68 0.28 -25.99
CA THR B 93 7.99 1.24 -27.09
C THR B 93 6.98 1.06 -28.21
N LEU B 94 6.62 -0.17 -28.50
CA LEU B 94 5.62 -0.42 -29.51
C LEU B 94 4.20 -0.02 -29.11
N PHE B 95 3.85 -0.17 -27.84
CA PHE B 95 2.50 0.16 -27.38
C PHE B 95 2.33 1.63 -27.30
N ASN B 96 3.36 2.31 -26.83
CA ASN B 96 3.18 3.65 -26.29
C ASN B 96 3.86 4.77 -27.04
N ALA B 97 4.63 4.47 -28.08
CA ALA B 97 5.21 5.55 -28.92
C ALA B 97 4.09 6.32 -29.65
N GLY B 98 4.08 7.64 -29.49
CA GLY B 98 3.06 8.47 -30.13
C GLY B 98 1.84 8.76 -29.29
N LEU B 99 1.80 8.31 -28.04
CA LEU B 99 0.64 8.57 -27.17
C LEU B 99 0.63 10.06 -26.86
N GLY B 100 -0.51 10.72 -27.12
CA GLY B 100 -0.58 12.17 -26.95
C GLY B 100 -0.56 12.93 -28.27
N VAL B 101 -0.07 12.29 -29.34
CA VAL B 101 0.27 12.99 -30.60
C VAL B 101 -0.93 12.98 -31.52
N LYS B 102 -1.14 14.05 -32.27
CA LYS B 102 -2.21 14.09 -33.28
C LYS B 102 -2.09 12.89 -34.24
N HIS B 103 -3.16 12.18 -34.47
CA HIS B 103 -3.13 11.04 -35.37
C HIS B 103 -2.59 11.40 -36.75
N ASP B 104 -3.04 12.54 -37.26
CA ASP B 104 -2.56 13.01 -38.56
C ASP B 104 -1.04 13.31 -38.63
N LEU B 105 -0.32 13.31 -37.51
CA LEU B 105 1.14 13.51 -37.59
C LEU B 105 1.94 12.22 -37.52
N LEU B 106 1.30 11.11 -37.12
CA LEU B 106 1.99 9.87 -36.75
C LEU B 106 2.21 8.92 -37.92
N TRP B 107 1.28 8.91 -38.88
CA TRP B 107 1.42 8.08 -40.04
C TRP B 107 1.55 8.88 -41.33
N LYS B 108 1.82 10.18 -41.24
CA LYS B 108 1.90 10.94 -42.49
C LYS B 108 3.21 10.59 -43.21
N PRO B 109 3.23 10.72 -44.57
CA PRO B 109 4.38 10.28 -45.33
C PRO B 109 5.57 11.10 -44.94
N ILE B 110 6.72 10.46 -44.86
CA ILE B 110 7.92 11.12 -44.44
C ILE B 110 8.34 12.34 -45.30
N ASP B 111 8.15 12.27 -46.63
CA ASP B 111 8.55 13.40 -47.52
C ASP B 111 7.73 14.65 -47.23
N GLN B 112 6.60 14.48 -46.57
CA GLN B 112 5.71 15.59 -46.26
C GLN B 112 5.95 16.20 -44.90
N MET B 113 6.87 15.60 -44.13
CA MET B 113 7.13 16.02 -42.75
C MET B 113 7.87 17.32 -42.78
N THR B 114 7.51 18.24 -41.90
CA THR B 114 8.25 19.51 -41.80
C THR B 114 8.95 19.52 -40.47
N LEU B 115 9.82 20.49 -40.27
CA LEU B 115 10.50 20.62 -38.99
C LEU B 115 9.51 20.94 -37.87
N GLU B 116 8.54 21.81 -38.15
CA GLU B 116 7.46 22.03 -37.21
C GLU B 116 6.63 20.79 -36.85
N ASP B 117 6.39 19.89 -37.82
CA ASP B 117 5.73 18.60 -37.57
C ASP B 117 6.44 17.76 -36.51
N TYR B 118 7.77 17.67 -36.61
CA TYR B 118 8.55 16.89 -35.64
C TYR B 118 8.51 17.55 -34.28
N GLU B 119 8.58 18.89 -34.27
CA GLU B 119 8.54 19.65 -33.04
C GLU B 119 7.23 19.43 -32.27
N GLU B 120 6.16 19.27 -33.01
CA GLU B 120 4.86 19.11 -32.40
C GLU B 120 4.69 17.70 -31.87
N ILE B 121 5.27 16.72 -32.57
CA ILE B 121 5.33 15.34 -32.05
C ILE B 121 6.08 15.39 -30.71
N TYR B 122 7.30 15.91 -30.74
CA TYR B 122 8.08 16.03 -29.54
C TYR B 122 7.35 16.69 -28.33
N ARG B 123 6.49 17.67 -28.61
CA ARG B 123 5.85 18.44 -27.55
C ARG B 123 4.54 17.85 -27.10
N SER B 124 3.96 16.97 -27.89
CA SER B 124 2.66 16.45 -27.54
C SER B 124 2.69 15.08 -26.90
N ARG B 125 3.87 14.56 -26.61
CA ARG B 125 4.01 13.26 -25.93
C ARG B 125 3.38 13.36 -24.52
N ASN B 126 2.46 12.48 -24.16
CA ASN B 126 1.79 12.63 -22.85
C ASN B 126 2.33 11.74 -21.73
N HIS B 127 1.65 11.75 -20.59
CA HIS B 127 2.17 11.13 -19.34
C HIS B 127 2.21 9.59 -19.47
N LEU B 128 1.52 9.08 -20.49
CA LEU B 128 1.51 7.66 -20.77
C LEU B 128 2.60 7.24 -21.79
N HIS B 129 3.40 8.21 -22.22
CA HIS B 129 4.40 8.01 -23.28
C HIS B 129 5.64 7.27 -22.73
N MET B 130 5.40 6.11 -22.14
CA MET B 130 6.45 5.40 -21.37
C MET B 130 6.94 4.24 -22.18
N LEU B 131 8.23 4.24 -22.47
CA LEU B 131 8.78 3.34 -23.52
C LEU B 131 9.80 2.35 -23.00
N SER B 132 9.94 2.17 -21.69
CA SER B 132 10.96 1.26 -21.14
C SER B 132 10.35 0.07 -20.39
N ALA B 133 10.92 -1.11 -20.56
CA ALA B 133 10.41 -2.27 -19.85
C ALA B 133 10.86 -2.34 -18.36
N CYS B 134 12.03 -1.83 -18.00
CA CYS B 134 12.72 -2.31 -16.76
C CYS B 134 12.92 -1.25 -15.70
N PHE B 135 12.52 -1.52 -14.44
CA PHE B 135 12.58 -0.55 -13.36
C PHE B 135 13.02 -1.26 -12.06
N VAL B 136 13.76 -0.54 -11.24
CA VAL B 136 14.07 -0.91 -9.86
C VAL B 136 13.85 0.35 -9.02
N VAL B 137 13.09 0.19 -7.91
CA VAL B 137 12.89 1.23 -6.90
C VAL B 137 13.38 0.70 -5.55
N PRO B 138 13.98 1.56 -4.70
CA PRO B 138 14.32 1.03 -3.38
C PRO B 138 13.09 0.83 -2.47
N VAL B 139 13.24 0.10 -1.38
CA VAL B 139 12.22 0.04 -0.32
C VAL B 139 12.91 0.26 1.04
N GLY B 140 13.01 1.50 1.48
CA GLY B 140 13.66 1.85 2.74
C GLY B 140 12.98 1.29 3.98
N ASP B 141 13.74 1.23 5.08
CA ASP B 141 13.25 0.59 6.30
C ASP B 141 12.39 1.54 7.15
N SER B 142 11.28 2.01 6.58
CA SER B 142 10.31 2.77 7.36
C SER B 142 8.95 2.56 6.75
N ILE B 143 7.90 2.62 7.54
CA ILE B 143 6.55 2.61 6.98
C ILE B 143 6.39 3.64 5.87
N GLU B 144 6.88 4.85 6.10
CA GLU B 144 6.88 5.91 5.10
C GLU B 144 7.48 5.50 3.75
N GLU B 145 8.69 4.93 3.77
CA GLU B 145 9.37 4.49 2.56
C GLU B 145 8.75 3.24 1.98
N ILE B 146 8.34 2.31 2.83
CA ILE B 146 7.62 1.14 2.32
C ILE B 146 6.40 1.51 1.47
N PHE B 147 5.56 2.41 1.98
CA PHE B 147 4.30 2.70 1.28
C PHE B 147 4.46 3.69 0.16
N GLU B 148 5.46 4.54 0.23
CA GLU B 148 5.88 5.28 -0.98
C GLU B 148 6.32 4.34 -2.15
N ALA B 149 7.01 3.23 -1.83
CA ALA B 149 7.37 2.22 -2.82
C ALA B 149 6.14 1.55 -3.35
N VAL B 150 5.16 1.26 -2.49
CA VAL B 150 3.90 0.61 -2.96
C VAL B 150 3.25 1.54 -3.98
N LYS B 151 3.20 2.83 -3.69
CA LYS B 151 2.63 3.79 -4.66
C LYS B 151 3.44 3.80 -5.97
N GLU B 152 4.77 3.74 -5.89
CA GLU B 152 5.64 3.74 -7.07
C GLU B 152 5.36 2.49 -7.90
N TYR B 153 5.22 1.34 -7.25
CA TYR B 153 4.85 0.11 -8.00
C TYR B 153 3.60 0.32 -8.80
N ALA B 154 2.54 0.80 -8.15
CA ALA B 154 1.26 1.07 -8.81
C ALA B 154 1.40 2.01 -10.04
N LEU B 155 2.13 3.09 -9.86
CA LEU B 155 2.32 4.03 -10.94
C LEU B 155 3.12 3.49 -12.11
N ILE B 156 4.15 2.70 -11.83
CA ILE B 156 4.98 2.14 -12.89
C ILE B 156 4.24 1.05 -13.56
N THR B 157 3.54 0.26 -12.76
CA THR B 157 2.75 -0.83 -13.32
C THR B 157 1.65 -0.31 -14.24
N LYS B 158 0.97 0.73 -13.76
CA LYS B 158 -0.09 1.41 -14.53
C LYS B 158 0.40 1.82 -15.93
N VAL B 159 1.56 2.50 -16.02
CA VAL B 159 2.08 2.96 -17.34
C VAL B 159 2.74 1.87 -18.25
N GLY B 160 2.84 0.65 -17.74
CA GLY B 160 3.29 -0.49 -18.51
C GLY B 160 4.68 -1.00 -18.16
N GLY B 161 5.22 -0.62 -16.99
CA GLY B 161 6.59 -1.06 -16.62
C GLY B 161 6.63 -2.30 -15.73
N GLY B 162 7.72 -3.07 -15.75
CA GLY B 162 7.88 -4.16 -14.76
C GLY B 162 8.96 -3.73 -13.77
N VAL B 163 8.71 -3.91 -12.47
CA VAL B 163 9.55 -3.32 -11.44
C VAL B 163 10.02 -4.41 -10.50
N GLY B 164 11.20 -4.18 -9.95
CA GLY B 164 11.85 -5.11 -9.03
C GLY B 164 12.35 -4.35 -7.83
N SER B 165 12.43 -5.00 -6.67
CA SER B 165 13.07 -4.38 -5.51
C SER B 165 13.87 -5.42 -4.69
N ASN B 166 14.90 -4.93 -4.01
CA ASN B 166 15.53 -5.72 -2.98
C ASN B 166 14.92 -5.33 -1.62
N PHE B 167 14.33 -6.28 -0.93
CA PHE B 167 13.59 -5.94 0.31
C PHE B 167 14.45 -6.01 1.58
N SER B 168 15.76 -6.11 1.40
CA SER B 168 16.67 -6.45 2.51
C SER B 168 16.81 -5.36 3.52
N GLU B 169 16.49 -4.12 3.11
CA GLU B 169 16.61 -2.97 4.02
C GLU B 169 15.63 -3.13 5.16
N LEU B 170 14.61 -3.97 4.95
CA LEU B 170 13.53 -4.12 5.92
C LEU B 170 13.94 -5.00 7.03
N ARG B 171 13.99 -4.43 8.21
CA ARG B 171 14.40 -5.16 9.44
C ARG B 171 13.54 -6.35 9.64
N PRO B 172 14.15 -7.41 10.14
CA PRO B 172 13.47 -8.66 10.28
C PRO B 172 12.28 -8.67 11.24
N LYS B 173 11.40 -9.63 11.02
CA LYS B 173 10.21 -9.87 11.80
C LYS B 173 10.55 -10.05 13.26
N GLY B 174 10.12 -9.10 14.10
CA GLY B 174 10.26 -9.19 15.55
C GLY B 174 11.22 -8.15 16.05
N SER B 175 11.83 -7.39 15.16
CA SER B 175 12.77 -6.37 15.54
C SER B 175 12.08 -5.24 16.28
N PHE B 176 12.83 -4.64 17.20
CA PHE B 176 12.36 -3.47 17.95
C PHE B 176 12.01 -2.36 16.98
N VAL B 177 10.87 -1.75 17.23
CA VAL B 177 10.54 -0.53 16.55
C VAL B 177 10.45 0.53 17.62
N ALA B 178 11.27 1.56 17.49
CA ALA B 178 11.29 2.63 18.46
C ALA B 178 10.12 3.52 18.17
N GLY B 179 8.92 2.90 18.26
CA GLY B 179 7.59 3.54 18.34
C GLY B 179 7.09 3.44 19.78
N THR B 180 5.79 3.33 19.99
CA THR B 180 5.28 2.78 21.25
C THR B 180 5.59 1.29 21.04
N HIS B 181 4.56 0.48 20.85
CA HIS B 181 4.76 -0.94 20.60
C HIS B 181 3.86 -1.35 19.41
N GLY B 182 4.05 -2.53 18.82
CA GLY B 182 5.14 -3.49 19.14
C GLY B 182 6.33 -3.63 18.19
N LYS B 183 6.31 -4.72 17.41
CA LYS B 183 7.49 -5.21 16.73
C LYS B 183 7.40 -5.06 15.19
N ALA B 184 8.54 -5.00 14.52
CA ALA B 184 8.55 -4.98 13.04
C ALA B 184 7.97 -6.28 12.48
N SER B 185 7.19 -6.21 11.41
CA SER B 185 6.60 -7.46 10.90
C SER B 185 7.51 -8.19 9.87
N GLY B 186 8.54 -7.49 9.40
CA GLY B 186 9.57 -8.03 8.48
C GLY B 186 9.28 -7.95 6.97
N PRO B 187 10.31 -8.11 6.10
CA PRO B 187 10.10 -7.94 4.61
C PRO B 187 9.00 -8.74 3.96
N VAL B 188 8.88 -9.99 4.32
CA VAL B 188 7.98 -10.82 3.62
C VAL B 188 6.53 -10.34 3.81
N SER B 189 6.18 -9.88 5.02
CA SER B 189 4.80 -9.48 5.28
C SER B 189 4.49 -8.27 4.40
N PHE B 190 5.41 -7.31 4.27
CA PHE B 190 5.17 -6.16 3.43
C PHE B 190 5.11 -6.46 1.94
N MET B 191 5.83 -7.49 1.48
CA MET B 191 5.70 -7.95 0.10
C MET B 191 4.29 -8.38 -0.26
N HIS B 192 3.52 -8.93 0.69
CA HIS B 192 2.09 -9.15 0.49
C HIS B 192 1.27 -7.86 0.20
N VAL B 193 1.64 -6.72 0.78
CA VAL B 193 0.96 -5.50 0.47
C VAL B 193 1.24 -5.10 -1.00
N PHE B 194 2.50 -5.21 -1.42
CA PHE B 194 2.86 -5.05 -2.87
C PHE B 194 2.07 -5.98 -3.77
N ASN B 195 2.01 -7.24 -3.43
CA ASN B 195 1.26 -8.17 -4.25
C ASN B 195 -0.20 -7.80 -4.38
N SER B 196 -0.82 -7.50 -3.24
CA SER B 196 -2.22 -7.10 -3.22
C SER B 196 -2.43 -5.83 -4.04
N ALA B 197 -1.58 -4.81 -3.87
CA ALA B 197 -1.70 -3.61 -4.69
C ALA B 197 -1.71 -3.90 -6.20
N ILE B 198 -0.80 -4.77 -6.65
CA ILE B 198 -0.56 -4.95 -8.07
C ILE B 198 -1.63 -5.86 -8.62
N SER B 199 -2.12 -6.73 -7.75
CA SER B 199 -3.21 -7.60 -8.18
C SER B 199 -4.48 -6.81 -8.52
N VAL B 200 -4.64 -5.66 -7.87
CA VAL B 200 -5.80 -4.81 -8.14
C VAL B 200 -5.52 -3.88 -9.33
N VAL B 201 -4.31 -3.31 -9.39
CA VAL B 201 -3.93 -2.46 -10.52
C VAL B 201 -4.01 -3.22 -11.84
N LYS B 202 -3.67 -4.50 -11.83
CA LYS B 202 -3.71 -5.35 -13.05
C LYS B 202 -4.99 -6.17 -13.28
N GLN B 203 -5.88 -6.15 -12.30
CA GLN B 203 -7.23 -6.63 -12.46
C GLN B 203 -7.91 -6.02 -13.71
N ALA B 210 5.91 -11.18 -13.09
CA ALA B 210 5.72 -9.74 -13.45
C ALA B 210 6.28 -8.65 -12.49
N LEU B 211 6.58 -9.01 -11.23
CA LEU B 211 7.38 -8.16 -10.32
C LEU B 211 8.62 -8.92 -9.92
N MET B 212 9.68 -8.24 -9.51
CA MET B 212 10.75 -8.99 -8.87
C MET B 212 10.97 -8.63 -7.42
N GLY B 213 11.16 -9.66 -6.58
CA GLY B 213 11.40 -9.45 -5.14
C GLY B 213 12.65 -10.23 -4.77
N ILE B 214 13.64 -9.55 -4.23
CA ILE B 214 14.91 -10.18 -3.84
C ILE B 214 15.06 -9.97 -2.33
N LEU B 215 15.54 -11.01 -1.64
CA LEU B 215 15.97 -10.95 -0.27
C LEU B 215 17.37 -11.55 -0.21
N ASN B 216 18.29 -10.90 0.50
CA ASN B 216 19.67 -11.29 0.51
C ASN B 216 19.86 -12.47 1.43
N ILE B 217 20.81 -13.30 1.06
CA ILE B 217 21.08 -14.61 1.67
C ILE B 217 21.41 -14.45 3.16
N ASN B 218 22.01 -13.32 3.55
CA ASN B 218 22.33 -13.13 4.97
C ASN B 218 21.30 -12.42 5.83
N HIS B 219 20.11 -12.15 5.26
CA HIS B 219 18.98 -11.63 6.02
C HIS B 219 18.40 -12.66 6.96
N PRO B 220 18.13 -12.25 8.22
CA PRO B 220 17.54 -13.21 9.16
C PRO B 220 16.22 -13.86 8.78
N ASP B 221 15.44 -13.27 7.85
CA ASP B 221 14.16 -13.86 7.43
C ASP B 221 14.31 -14.61 6.11
N ILE B 222 15.56 -14.91 5.73
CA ILE B 222 15.85 -15.57 4.45
C ILE B 222 15.15 -16.89 4.33
N GLU B 223 15.00 -17.63 5.43
CA GLU B 223 14.35 -18.95 5.30
C GLU B 223 12.87 -18.85 5.02
N GLU B 224 12.19 -17.92 5.69
CA GLU B 224 10.77 -17.66 5.43
C GLU B 224 10.61 -17.23 3.97
N PHE B 225 11.55 -16.41 3.49
CA PHE B 225 11.55 -15.87 2.13
C PHE B 225 11.59 -16.96 1.08
N ILE B 226 12.53 -17.90 1.26
CA ILE B 226 12.71 -19.03 0.35
C ILE B 226 11.44 -19.85 0.26
N ASP B 227 10.69 -19.90 1.35
CA ASP B 227 9.47 -20.69 1.42
C ASP B 227 8.22 -19.85 1.14
N ALA B 228 8.39 -18.62 0.64
CA ALA B 228 7.28 -17.65 0.57
C ALA B 228 6.24 -17.88 -0.56
N LYS B 229 6.56 -18.72 -1.53
CA LYS B 229 5.60 -19.03 -2.59
C LYS B 229 5.22 -20.50 -2.56
N LYS B 230 5.83 -21.20 -1.60
CA LYS B 230 5.56 -22.61 -1.33
C LYS B 230 4.07 -22.83 -1.05
N GLU B 231 3.63 -24.09 -1.29
CA GLU B 231 2.22 -24.49 -1.28
C GLU B 231 1.50 -23.93 -2.50
N ALA B 236 -0.44 -17.72 1.94
CA ALA B 236 -0.80 -16.80 0.85
C ALA B 236 0.40 -16.39 -0.01
N VAL B 237 0.43 -16.84 -1.26
CA VAL B 237 1.36 -16.34 -2.28
C VAL B 237 0.68 -15.03 -2.75
N LEU B 238 1.39 -13.93 -3.04
CA LEU B 238 2.74 -13.73 -3.68
C LEU B 238 2.83 -14.09 -5.18
N ASN B 239 1.68 -14.34 -5.77
CA ASN B 239 1.52 -14.74 -7.13
C ASN B 239 2.04 -13.76 -8.21
N PHE B 240 2.16 -12.47 -7.90
CA PHE B 240 2.69 -11.50 -8.88
C PHE B 240 4.21 -11.39 -8.78
N PHE B 241 4.80 -12.03 -7.77
CA PHE B 241 6.25 -11.94 -7.59
C PHE B 241 7.05 -13.07 -8.27
N ASN B 242 8.15 -12.70 -8.94
CA ASN B 242 9.28 -13.62 -9.12
C ASN B 242 10.19 -13.33 -7.95
N LEU B 243 10.67 -14.40 -7.32
CA LEU B 243 11.48 -14.28 -6.10
C LEU B 243 12.93 -14.75 -6.38
N SER B 244 13.92 -13.95 -6.02
CA SER B 244 15.30 -14.36 -6.06
C SER B 244 16.07 -14.11 -4.77
N VAL B 245 16.94 -15.04 -4.46
CA VAL B 245 17.84 -14.83 -3.37
C VAL B 245 19.02 -14.02 -3.86
N GLY B 246 19.34 -12.95 -3.14
CA GLY B 246 20.45 -12.08 -3.45
C GLY B 246 21.79 -12.41 -2.76
N PHE B 247 22.87 -12.30 -3.53
CA PHE B 247 24.22 -12.65 -3.09
C PHE B 247 25.05 -11.45 -3.38
N PRO B 248 25.05 -10.49 -2.46
CA PRO B 248 25.79 -9.23 -2.57
C PRO B 248 27.30 -9.36 -2.48
N MET B 249 27.73 -10.47 -1.90
CA MET B 249 29.14 -10.81 -1.75
C MET B 249 29.68 -11.52 -3.02
N ASP B 250 30.98 -11.74 -3.05
CA ASP B 250 31.65 -12.28 -4.19
C ASP B 250 31.22 -13.72 -4.36
N LYS B 251 30.93 -14.14 -5.60
CA LYS B 251 30.58 -15.53 -5.87
C LYS B 251 31.61 -16.54 -5.35
N LYS B 252 32.87 -16.11 -5.38
CA LYS B 252 34.03 -16.95 -4.97
C LYS B 252 33.95 -17.26 -3.52
N GLU B 253 33.60 -16.23 -2.75
CA GLU B 253 33.45 -16.31 -1.32
C GLU B 253 32.34 -17.30 -0.95
N ILE B 254 31.18 -17.23 -1.60
CA ILE B 254 30.10 -18.19 -1.31
C ILE B 254 30.44 -19.61 -1.74
N LEU B 255 31.16 -19.77 -2.85
CA LEU B 255 31.53 -21.11 -3.33
C LEU B 255 32.48 -21.75 -2.29
N LYS B 256 33.43 -20.97 -1.79
CA LYS B 256 34.44 -21.44 -0.80
C LYS B 256 33.75 -21.86 0.50
N LEU B 257 32.79 -21.06 0.91
CA LEU B 257 32.11 -21.30 2.12
C LEU B 257 31.32 -22.59 2.01
N TYR B 258 30.74 -22.85 0.84
CA TYR B 258 29.95 -24.07 0.63
C TYR B 258 30.88 -25.31 0.62
N GLU B 259 32.04 -25.14 -0.02
CA GLU B 259 33.00 -26.22 -0.24
C GLU B 259 33.59 -26.64 1.09
N GLU B 260 33.81 -25.63 1.94
CA GLU B 260 34.26 -25.84 3.32
C GLU B 260 33.20 -26.17 4.34
N ASP B 261 31.93 -26.29 3.92
CA ASP B 261 30.80 -26.55 4.81
C ASP B 261 30.74 -25.49 5.93
N GLY B 262 31.00 -24.24 5.54
CA GLY B 262 30.99 -23.14 6.49
C GLY B 262 29.60 -22.73 6.96
N GLU B 263 29.58 -21.71 7.82
CA GLU B 263 28.33 -21.15 8.37
C GLU B 263 28.20 -19.73 7.90
N LEU B 264 26.95 -19.31 7.69
CA LEU B 264 26.68 -17.94 7.31
C LEU B 264 26.08 -17.23 8.51
N GLU B 265 26.53 -16.01 8.78
CA GLU B 265 25.90 -15.23 9.82
C GLU B 265 24.79 -14.35 9.26
N LEU B 266 23.56 -14.67 9.68
CA LEU B 266 22.33 -13.89 9.40
C LEU B 266 22.21 -12.73 10.38
N SER B 267 22.20 -11.51 9.87
CA SER B 267 22.10 -10.34 10.74
C SER B 267 21.51 -9.15 9.97
N HIS B 268 21.26 -8.06 10.69
CA HIS B 268 20.68 -6.88 10.08
C HIS B 268 21.13 -5.72 10.92
N PRO B 269 21.46 -4.59 10.27
CA PRO B 269 21.97 -3.42 10.99
C PRO B 269 20.99 -2.74 11.97
N ARG B 270 19.69 -2.95 11.76
CA ARG B 270 18.64 -2.33 12.59
C ARG B 270 17.86 -3.41 13.34
N SER B 271 18.56 -4.46 13.76
CA SER B 271 17.95 -5.51 14.56
C SER B 271 18.97 -6.20 15.48
N THR B 272 18.54 -6.74 16.60
CA THR B 272 19.41 -7.63 17.43
C THR B 272 19.21 -9.10 17.04
N ILE B 273 18.28 -9.34 16.12
CA ILE B 273 18.04 -10.71 15.63
C ILE B 273 19.30 -11.18 14.88
N ARG B 274 19.86 -12.31 15.31
CA ARG B 274 21.14 -12.85 14.83
C ARG B 274 21.01 -14.33 14.84
N LYS B 275 21.66 -15.00 13.88
CA LYS B 275 21.58 -16.46 13.79
C LYS B 275 22.62 -17.01 12.81
N LYS B 276 23.11 -18.22 13.10
CA LYS B 276 24.07 -18.88 12.22
C LYS B 276 23.38 -20.06 11.56
N VAL B 277 23.62 -20.24 10.25
CA VAL B 277 23.05 -21.36 9.52
C VAL B 277 24.16 -21.96 8.65
N LYS B 278 24.13 -23.27 8.47
CA LYS B 278 25.02 -23.93 7.53
C LYS B 278 24.65 -23.51 6.09
N ILE B 279 25.60 -22.92 5.34
CA ILE B 279 25.39 -22.51 3.94
C ILE B 279 24.91 -23.69 3.07
N ARG B 280 25.39 -24.90 3.35
CA ARG B 280 24.90 -26.03 2.61
C ARG B 280 23.42 -26.30 2.85
N GLU B 281 22.95 -26.05 4.07
CA GLU B 281 21.57 -26.39 4.44
C GLU B 281 20.63 -25.46 3.72
N LEU B 282 21.02 -24.19 3.73
CA LEU B 282 20.30 -23.07 3.16
C LEU B 282 20.27 -23.29 1.68
N PHE B 283 21.44 -23.52 1.06
CA PHE B 283 21.44 -23.90 -0.35
C PHE B 283 20.48 -25.02 -0.69
N ARG B 284 20.48 -26.08 0.11
CA ARG B 284 19.60 -27.22 -0.17
C ARG B 284 18.12 -26.88 -0.11
N LYS B 285 17.82 -25.93 0.78
CA LYS B 285 16.48 -25.47 1.00
C LYS B 285 16.10 -24.69 -0.25
N ILE B 286 16.97 -23.80 -0.71
CA ILE B 286 16.74 -23.12 -1.99
C ILE B 286 16.49 -24.13 -3.10
N ALA B 287 17.41 -25.08 -3.27
CA ALA B 287 17.32 -26.09 -4.33
C ALA B 287 16.05 -26.94 -4.28
N THR B 288 15.59 -27.31 -3.09
CA THR B 288 14.41 -28.17 -2.93
C THR B 288 13.14 -27.48 -3.45
N ASN B 289 13.06 -26.20 -3.18
CA ASN B 289 11.91 -25.43 -3.57
C ASN B 289 11.90 -25.11 -5.06
N ALA B 290 13.09 -24.88 -5.62
CA ALA B 290 13.27 -24.61 -7.03
C ALA B 290 12.94 -25.90 -7.79
N TRP B 291 13.35 -27.00 -7.20
CA TRP B 291 13.04 -28.33 -7.73
C TRP B 291 11.52 -28.56 -7.84
N LYS B 292 10.81 -28.16 -6.79
CA LYS B 292 9.37 -28.32 -6.67
C LYS B 292 8.62 -27.37 -7.60
N SER B 293 9.07 -26.12 -7.66
CA SER B 293 8.25 -25.05 -8.23
C SER B 293 8.98 -23.97 -9.00
N GLY B 294 10.30 -24.07 -9.12
CA GLY B 294 11.01 -23.09 -9.92
C GLY B 294 11.44 -21.83 -9.22
N ASP B 295 10.91 -21.55 -8.03
CA ASP B 295 11.31 -20.39 -7.23
C ASP B 295 11.96 -20.85 -5.93
N PRO B 296 12.86 -20.04 -5.36
CA PRO B 296 13.39 -18.78 -5.87
C PRO B 296 14.62 -19.01 -6.78
N GLY B 297 14.99 -18.00 -7.56
CA GLY B 297 16.23 -17.98 -8.33
C GLY B 297 17.36 -17.40 -7.50
N LEU B 298 18.52 -17.22 -8.12
CA LEU B 298 19.71 -16.67 -7.43
C LEU B 298 20.11 -15.40 -8.18
N ALA B 299 20.34 -14.27 -7.48
CA ALA B 299 20.80 -13.08 -8.08
C ALA B 299 22.17 -12.78 -7.57
N PHE B 300 23.19 -12.91 -8.43
CA PHE B 300 24.55 -12.72 -8.02
C PHE B 300 24.88 -11.24 -8.12
N LEU B 301 24.34 -10.48 -7.15
CA LEU B 301 24.51 -9.03 -7.07
C LEU B 301 25.94 -8.49 -7.00
N GLY B 302 26.79 -9.08 -6.15
CA GLY B 302 28.23 -8.81 -6.19
C GLY B 302 28.88 -8.94 -7.56
N GLU B 303 28.55 -10.00 -8.30
CA GLU B 303 29.06 -10.22 -9.64
C GLU B 303 28.55 -9.06 -10.52
N MET B 304 27.31 -8.62 -10.29
CA MET B 304 26.81 -7.50 -11.10
C MET B 304 27.59 -6.24 -10.78
N ASN B 305 27.88 -6.04 -9.49
CA ASN B 305 28.60 -4.83 -9.03
C ASN B 305 30.09 -4.86 -9.43
N LYS B 306 30.64 -6.07 -9.55
CA LYS B 306 32.01 -6.28 -10.09
C LYS B 306 32.15 -5.59 -11.45
N TYR B 307 31.09 -5.62 -12.26
CA TYR B 307 31.16 -5.06 -13.60
C TYR B 307 30.40 -3.79 -13.78
N TYR B 308 29.95 -3.21 -12.67
CA TYR B 308 29.12 -2.00 -12.70
C TYR B 308 30.02 -0.77 -12.75
N PRO B 309 30.00 -0.02 -13.87
CA PRO B 309 30.92 1.15 -13.98
C PRO B 309 30.75 2.19 -12.87
N LEU B 310 29.62 2.20 -12.16
CA LEU B 310 29.40 3.31 -11.19
C LEU B 310 29.54 2.88 -9.75
N TYR B 311 29.91 1.63 -9.56
CA TYR B 311 30.11 1.10 -8.24
C TYR B 311 31.52 1.52 -7.72
N PRO B 312 31.68 1.74 -6.38
CA PRO B 312 30.69 1.64 -5.31
C PRO B 312 29.90 2.88 -4.97
N HIS B 313 30.03 3.97 -5.71
CA HIS B 313 29.16 5.07 -5.32
C HIS B 313 27.67 4.94 -5.76
N ARG B 314 27.41 4.01 -6.66
CA ARG B 314 26.05 3.54 -6.90
C ARG B 314 26.18 2.07 -6.86
N LYS B 315 25.07 1.40 -6.60
CA LYS B 315 25.09 0.01 -6.32
C LYS B 315 23.86 -0.62 -6.97
N ILE B 316 24.10 -1.73 -7.64
CA ILE B 316 23.03 -2.66 -8.05
C ILE B 316 22.53 -3.54 -6.88
N ASN B 317 21.26 -3.36 -6.50
CA ASN B 317 20.61 -4.12 -5.42
C ASN B 317 19.52 -5.05 -5.93
N SER B 318 19.06 -4.79 -7.13
CA SER B 318 17.95 -5.63 -7.66
C SER B 318 18.00 -5.74 -9.17
N THR B 319 17.27 -6.71 -9.73
CA THR B 319 17.06 -6.68 -11.15
C THR B 319 15.56 -6.38 -11.44
N ASN B 320 15.21 -6.29 -12.73
CA ASN B 320 13.84 -6.18 -13.19
C ASN B 320 13.25 -7.61 -13.10
N PRO B 321 11.92 -7.78 -13.32
CA PRO B 321 11.24 -9.07 -13.09
C PRO B 321 11.83 -10.27 -13.78
N CYS B 322 12.46 -10.06 -14.94
CA CYS B 322 12.95 -11.22 -15.71
C CYS B 322 14.45 -11.51 -15.53
N GLY B 323 15.11 -10.70 -14.70
CA GLY B 323 16.50 -10.93 -14.43
C GLY B 323 17.53 -10.17 -15.26
N GLU B 324 17.15 -9.70 -16.47
CA GLU B 324 18.24 -9.38 -17.42
C GLU B 324 18.88 -8.05 -17.20
N ILE B 325 18.24 -7.13 -16.47
CA ILE B 325 19.01 -5.91 -16.15
C ILE B 325 19.16 -5.77 -14.62
N GLY B 326 20.39 -5.66 -14.17
CA GLY B 326 20.62 -5.19 -12.80
C GLY B 326 20.64 -3.68 -12.81
N LEU B 327 19.89 -3.03 -11.91
CA LEU B 327 19.67 -1.62 -12.01
C LEU B 327 19.98 -0.99 -10.66
N SER B 328 20.57 0.20 -10.64
CA SER B 328 20.62 0.85 -9.36
C SER B 328 19.24 1.51 -8.99
N ASP B 329 19.16 2.14 -7.83
CA ASP B 329 17.89 2.62 -7.29
C ASP B 329 17.32 3.73 -8.18
N TYR B 330 16.04 3.64 -8.53
CA TYR B 330 15.32 4.56 -9.45
C TYR B 330 15.72 4.47 -10.92
N GLU B 331 16.63 3.57 -11.27
CA GLU B 331 17.02 3.44 -12.67
C GLU B 331 16.03 2.60 -13.44
N ALA B 332 15.87 2.93 -14.72
CA ALA B 332 15.03 2.17 -15.68
C ALA B 332 15.91 1.89 -16.90
N CYS B 333 15.49 0.98 -17.75
CA CYS B 333 16.27 0.65 -18.95
C CYS B 333 15.32 0.25 -20.06
N ASN B 334 15.54 0.76 -21.27
CA ASN B 334 14.77 0.30 -22.41
C ASN B 334 15.60 -0.65 -23.23
N LEU B 335 14.91 -1.70 -23.70
CA LEU B 335 15.51 -2.78 -24.42
C LEU B 335 15.10 -2.82 -25.88
N GLY B 336 15.88 -3.56 -26.66
CA GLY B 336 15.56 -3.87 -28.03
C GLY B 336 16.40 -5.05 -28.50
N SER B 337 15.89 -5.82 -29.45
CA SER B 337 16.57 -7.06 -29.87
C SER B 337 16.72 -7.20 -31.39
N ILE B 338 17.91 -7.63 -31.82
CA ILE B 338 18.21 -7.93 -33.23
C ILE B 338 17.87 -9.40 -33.51
N ASP B 339 17.13 -9.65 -34.57
CA ASP B 339 16.87 -11.01 -34.96
C ASP B 339 18.03 -11.59 -35.75
N VAL B 340 18.93 -12.32 -35.09
CA VAL B 340 20.10 -12.82 -35.81
C VAL B 340 19.82 -13.89 -36.84
N ALA B 341 18.65 -14.53 -36.78
CA ALA B 341 18.33 -15.56 -37.73
C ALA B 341 18.22 -14.95 -39.16
N LYS B 342 17.92 -13.66 -39.21
CA LYS B 342 17.77 -12.95 -40.50
C LYS B 342 19.11 -12.56 -41.13
N PHE B 343 20.19 -12.81 -40.40
CA PHE B 343 21.49 -12.51 -40.87
C PHE B 343 22.24 -13.74 -41.40
N TYR B 344 21.55 -14.85 -41.52
CA TYR B 344 22.16 -16.03 -42.07
C TYR B 344 22.33 -15.76 -43.56
N ASN B 345 23.52 -16.05 -44.06
CA ASN B 345 23.76 -15.89 -45.50
C ASN B 345 24.72 -16.93 -46.01
N ASN B 346 24.18 -17.93 -46.71
CA ASN B 346 25.02 -18.95 -47.36
C ASN B 346 26.13 -19.56 -46.47
N GLY B 347 25.72 -19.98 -45.28
CA GLY B 347 26.64 -20.66 -44.37
C GLY B 347 27.31 -19.79 -43.33
N PHE B 348 27.05 -18.49 -43.37
CA PHE B 348 27.67 -17.56 -42.42
C PHE B 348 26.73 -16.50 -41.96
N VAL B 349 27.15 -15.85 -40.89
CA VAL B 349 26.48 -14.66 -40.34
C VAL B 349 27.05 -13.52 -41.15
N ASP B 350 26.16 -12.72 -41.73
CA ASP B 350 26.58 -11.61 -42.53
C ASP B 350 26.96 -10.51 -41.58
N LEU B 351 28.22 -10.54 -41.17
CA LEU B 351 28.72 -9.55 -40.22
C LEU B 351 28.75 -8.15 -40.83
N GLU B 352 28.74 -8.04 -42.14
CA GLU B 352 28.88 -6.68 -42.68
C GLU B 352 27.61 -5.91 -42.29
N ALA B 353 26.47 -6.53 -42.59
CA ALA B 353 25.15 -5.99 -42.33
C ALA B 353 24.90 -5.89 -40.83
N LEU B 354 25.49 -6.80 -40.04
CA LEU B 354 25.27 -6.82 -38.60
C LEU B 354 25.87 -5.60 -37.93
N GLN B 355 27.12 -5.29 -38.27
CA GLN B 355 27.75 -4.09 -37.73
C GLN B 355 26.90 -2.85 -38.03
N GLU B 356 26.51 -2.67 -39.29
CA GLU B 356 25.61 -1.57 -39.62
C GLU B 356 24.36 -1.57 -38.70
N LEU B 357 23.72 -2.72 -38.54
CA LEU B 357 22.48 -2.70 -37.71
C LEU B 357 22.75 -2.42 -36.24
N VAL B 358 23.89 -2.86 -35.70
CA VAL B 358 24.20 -2.65 -34.31
C VAL B 358 24.38 -1.16 -34.07
N GLN B 359 25.01 -0.48 -35.01
CA GLN B 359 25.17 0.98 -34.90
C GLN B 359 23.81 1.69 -34.94
N ILE B 360 22.92 1.18 -35.79
CA ILE B 360 21.60 1.78 -35.90
C ILE B 360 20.79 1.48 -34.66
N ALA B 361 20.84 0.21 -34.18
CA ALA B 361 20.10 -0.21 -32.98
C ALA B 361 20.49 0.58 -31.73
N VAL B 362 21.78 0.78 -31.53
CA VAL B 362 22.24 1.60 -30.41
C VAL B 362 21.73 3.05 -30.46
N ARG B 363 21.84 3.71 -31.58
CA ARG B 363 21.30 5.06 -31.69
C ARG B 363 19.80 5.09 -31.40
N PHE B 364 19.06 4.12 -31.93
CA PHE B 364 17.61 4.08 -31.73
C PHE B 364 17.33 3.93 -30.21
N LEU B 365 18.06 3.04 -29.53
CA LEU B 365 17.76 2.79 -28.15
C LEU B 365 18.11 4.03 -27.34
N ASP B 366 19.17 4.70 -27.70
CA ASP B 366 19.55 5.96 -27.02
C ASP B 366 18.59 7.13 -27.21
N ASN B 367 18.13 7.28 -28.44
CA ASN B 367 17.01 8.15 -28.77
C ASN B 367 15.69 7.87 -28.03
N VAL B 368 15.37 6.58 -27.83
CA VAL B 368 14.20 6.27 -26.98
C VAL B 368 14.22 6.99 -25.61
N ILE B 369 15.35 6.99 -24.93
CA ILE B 369 15.54 7.77 -23.70
C ILE B 369 15.03 9.20 -23.80
N ASP B 370 15.39 9.92 -24.86
CA ASP B 370 14.99 11.32 -24.99
C ASP B 370 13.48 11.55 -25.20
N VAL B 371 12.76 10.58 -25.71
CA VAL B 371 11.33 10.75 -25.94
C VAL B 371 10.49 9.94 -24.95
N ASN B 372 11.17 9.23 -24.07
CA ASN B 372 10.52 8.53 -22.97
C ASN B 372 9.97 9.49 -21.92
N VAL B 373 8.76 9.19 -21.44
CA VAL B 373 8.16 9.91 -20.32
C VAL B 373 7.95 8.97 -19.13
N PHE B 374 8.62 9.24 -18.01
CA PHE B 374 8.38 8.44 -16.77
C PHE B 374 7.48 9.17 -15.73
N PRO B 375 6.73 8.38 -14.92
CA PRO B 375 5.80 8.82 -13.85
C PRO B 375 6.44 9.38 -12.58
N ILE B 376 7.76 9.34 -12.48
CA ILE B 376 8.42 9.67 -11.23
C ILE B 376 9.72 10.35 -11.60
N ASP B 377 9.90 11.57 -11.11
CA ASP B 377 11.04 12.40 -11.46
C ASP B 377 12.40 11.81 -11.11
N LYS B 378 12.45 11.06 -10.00
CA LYS B 378 13.71 10.43 -9.58
C LYS B 378 14.21 9.46 -10.65
N ILE B 379 13.26 8.88 -11.37
CA ILE B 379 13.56 7.95 -12.44
C ILE B 379 14.04 8.75 -13.65
N THR B 380 13.34 9.79 -14.03
CA THR B 380 13.76 10.64 -15.13
C THR B 380 15.22 11.03 -14.93
N LYS B 381 15.51 11.52 -13.74
CA LYS B 381 16.84 11.89 -13.33
C LYS B 381 17.90 10.74 -13.38
N ALA B 382 17.61 9.57 -12.81
CA ALA B 382 18.56 8.43 -12.86
C ALA B 382 18.87 7.96 -14.29
N VAL B 383 17.85 7.93 -15.14
CA VAL B 383 18.03 7.57 -16.56
C VAL B 383 18.89 8.58 -17.32
N LYS B 384 18.66 9.87 -17.06
CA LYS B 384 19.40 10.90 -17.76
C LYS B 384 20.89 10.88 -17.46
N GLU B 385 21.22 10.52 -16.23
CA GLU B 385 22.59 10.53 -15.76
C GLU B 385 23.40 9.32 -16.22
N SER B 386 22.76 8.15 -16.33
CA SER B 386 23.44 6.93 -16.76
C SER B 386 23.22 6.52 -18.24
N ARG B 387 22.00 6.70 -18.76
CA ARG B 387 21.65 6.35 -20.16
C ARG B 387 21.95 4.89 -20.45
N ARG B 388 21.62 4.01 -19.50
CA ARG B 388 21.74 2.56 -19.72
C ARG B 388 20.86 2.02 -20.84
N LEU B 389 21.43 1.15 -21.67
CA LEU B 389 20.63 0.59 -22.73
C LEU B 389 20.69 -0.92 -22.63
N GLY B 390 19.75 -1.56 -23.27
CA GLY B 390 19.69 -3.00 -23.26
C GLY B 390 19.49 -3.55 -24.66
N LEU B 391 20.54 -3.52 -25.48
CA LEU B 391 20.49 -4.20 -26.82
C LEU B 391 20.76 -5.67 -26.70
N GLY B 392 19.85 -6.48 -27.24
CA GLY B 392 20.12 -7.87 -27.24
C GLY B 392 19.88 -8.54 -28.56
N ILE B 393 19.72 -9.85 -28.47
CA ILE B 393 19.41 -10.62 -29.65
C ILE B 393 18.26 -11.57 -29.36
N MET B 394 17.60 -11.93 -30.44
CA MET B 394 16.61 -13.04 -30.50
C MET B 394 16.97 -13.82 -31.77
N GLY B 395 16.32 -14.96 -32.03
CA GLY B 395 16.56 -15.71 -33.24
C GLY B 395 17.78 -16.61 -33.19
N PHE B 396 18.46 -16.63 -32.05
CA PHE B 396 19.73 -17.36 -31.90
C PHE B 396 19.66 -18.83 -32.24
N ALA B 397 18.63 -19.49 -31.72
CA ALA B 397 18.47 -20.90 -31.90
C ALA B 397 18.15 -21.26 -33.35
N ASP B 398 17.32 -20.42 -33.97
CA ASP B 398 16.95 -20.56 -35.35
C ASP B 398 18.16 -20.34 -36.26
N LEU B 399 19.01 -19.39 -35.91
CA LEU B 399 20.27 -19.22 -36.59
C LEU B 399 21.16 -20.46 -36.50
N LEU B 400 21.26 -21.04 -35.30
CA LEU B 400 22.00 -22.31 -35.16
C LEU B 400 21.46 -23.44 -36.02
N TYR B 401 20.14 -23.53 -36.19
CA TYR B 401 19.55 -24.53 -37.07
C TYR B 401 19.99 -24.28 -38.53
N LYS B 402 20.05 -23.01 -38.94
CA LYS B 402 20.42 -22.67 -40.33
C LYS B 402 21.89 -22.99 -40.58
N LEU B 403 22.69 -22.90 -39.51
CA LEU B 403 24.12 -23.08 -39.57
C LEU B 403 24.52 -24.52 -39.33
N GLU B 404 23.49 -25.34 -39.14
CA GLU B 404 23.60 -26.80 -38.93
C GLU B 404 24.51 -27.08 -37.74
N ILE B 405 24.36 -26.27 -36.69
CA ILE B 405 25.10 -26.38 -35.43
C ILE B 405 24.22 -26.79 -34.22
N PRO B 406 24.59 -27.88 -33.51
CA PRO B 406 23.80 -28.30 -32.32
C PRO B 406 23.94 -27.33 -31.14
N TYR B 407 22.81 -26.89 -30.57
CA TYR B 407 22.82 -25.90 -29.46
C TYR B 407 23.65 -26.54 -28.35
N ASN B 408 23.51 -27.83 -28.08
CA ASN B 408 24.35 -28.46 -27.03
C ASN B 408 25.73 -28.90 -27.48
N SER B 409 26.62 -27.96 -27.82
CA SER B 409 27.93 -28.34 -28.33
C SER B 409 28.85 -27.23 -27.99
N GLN B 410 30.11 -27.54 -27.79
CA GLN B 410 31.13 -26.48 -27.67
C GLN B 410 31.20 -25.57 -28.91
N GLU B 411 30.95 -26.16 -30.07
CA GLU B 411 30.91 -25.40 -31.33
C GLU B 411 29.89 -24.25 -31.21
N ALA B 412 28.67 -24.58 -30.78
CA ALA B 412 27.64 -23.57 -30.58
C ALA B 412 28.07 -22.49 -29.58
N ARG B 413 28.77 -22.89 -28.51
CA ARG B 413 29.10 -21.93 -27.44
C ARG B 413 30.22 -21.04 -27.86
N ASP B 414 31.19 -21.60 -28.60
CA ASP B 414 32.28 -20.78 -29.19
C ASP B 414 31.69 -19.80 -30.25
N PHE B 415 30.79 -20.30 -31.08
CA PHE B 415 30.05 -19.42 -31.98
C PHE B 415 29.34 -18.26 -31.22
N ALA B 416 28.58 -18.65 -30.17
CA ALA B 416 27.77 -17.72 -29.37
C ALA B 416 28.65 -16.67 -28.79
N ALA B 417 29.74 -17.09 -28.17
CA ALA B 417 30.69 -16.10 -27.62
C ALA B 417 31.27 -15.13 -28.69
N ASN B 418 31.62 -15.65 -29.90
CA ASN B 418 32.23 -14.71 -30.89
C ASN B 418 31.22 -13.73 -31.43
N LEU B 419 30.02 -14.25 -31.61
CA LEU B 419 28.88 -13.42 -32.06
C LEU B 419 28.61 -12.27 -31.06
N MET B 420 28.46 -12.62 -29.78
CA MET B 420 28.21 -11.61 -28.72
C MET B 420 29.36 -10.62 -28.58
N ALA B 421 30.61 -11.14 -28.57
CA ALA B 421 31.82 -10.26 -28.61
C ALA B 421 31.82 -9.25 -29.78
N PHE B 422 31.44 -9.73 -30.96
CA PHE B 422 31.39 -8.85 -32.15
C PHE B 422 30.31 -7.78 -31.96
N ILE B 423 29.13 -8.21 -31.50
CA ILE B 423 28.09 -7.25 -31.15
C ILE B 423 28.54 -6.27 -30.08
N ALA B 424 29.19 -6.77 -29.01
CA ALA B 424 29.60 -5.91 -27.92
C ALA B 424 30.61 -4.86 -28.40
N LEU B 425 31.54 -5.30 -29.26
CA LEU B 425 32.55 -4.42 -29.84
C LEU B 425 31.90 -3.27 -30.62
N HIS B 426 30.98 -3.58 -31.50
CA HIS B 426 30.39 -2.51 -32.30
C HIS B 426 29.38 -1.61 -31.57
N ALA B 427 28.78 -2.15 -30.49
CA ALA B 427 27.85 -1.36 -29.67
C ALA B 427 28.61 -0.39 -28.81
N HIS B 428 29.67 -0.85 -28.17
CA HIS B 428 30.50 0.09 -27.42
C HIS B 428 31.23 1.12 -28.28
N ARG B 429 31.58 0.74 -29.52
CA ARG B 429 32.19 1.67 -30.48
C ARG B 429 31.15 2.71 -30.85
N THR B 430 29.93 2.27 -31.16
CA THR B 430 28.81 3.22 -31.34
C THR B 430 28.59 4.18 -30.17
N SER B 431 28.81 3.71 -28.94
CA SER B 431 28.56 4.55 -27.76
C SER B 431 29.61 5.61 -27.66
N TYR B 432 30.86 5.27 -28.02
CA TYR B 432 31.95 6.24 -28.17
C TYR B 432 31.53 7.30 -29.18
N GLU B 433 31.15 6.84 -30.37
CA GLU B 433 30.73 7.74 -31.46
C GLU B 433 29.62 8.71 -31.04
N LEU B 434 28.60 8.19 -30.36
CA LEU B 434 27.44 9.01 -29.89
C LEU B 434 27.78 9.99 -28.77
N GLY B 435 28.74 9.59 -27.92
CA GLY B 435 29.24 10.49 -26.88
C GLY B 435 29.94 11.69 -27.52
N LYS B 436 30.77 11.44 -28.54
CA LYS B 436 31.39 12.52 -29.32
C LYS B 436 30.37 13.48 -29.91
N GLU B 437 29.39 12.92 -30.60
CA GLU B 437 28.37 13.67 -31.33
C GLU B 437 27.40 14.41 -30.42
N LYS B 438 26.97 13.76 -29.33
CA LYS B 438 25.82 14.19 -28.55
C LYS B 438 26.15 14.63 -27.15
N GLY B 439 27.23 14.13 -26.61
CA GLY B 439 27.57 14.43 -25.24
C GLY B 439 27.67 13.11 -24.50
N ASN B 440 28.59 13.05 -23.56
CA ASN B 440 28.75 11.84 -22.75
C ASN B 440 27.64 11.69 -21.72
N PHE B 441 27.46 10.47 -21.17
CA PHE B 441 26.51 10.32 -20.08
C PHE B 441 27.03 11.14 -18.92
N PRO B 442 26.14 11.93 -18.25
CA PRO B 442 26.61 12.82 -17.19
C PRO B 442 27.57 12.20 -16.18
N LEU B 443 27.47 10.89 -15.91
CA LEU B 443 28.30 10.31 -14.85
C LEU B 443 29.57 9.62 -15.34
N LEU B 444 29.90 9.82 -16.62
CA LEU B 444 31.19 9.34 -17.20
C LEU B 444 32.40 9.64 -16.29
N GLU B 445 32.52 10.90 -15.88
CA GLU B 445 33.65 11.36 -15.09
C GLU B 445 33.89 10.55 -13.83
N ILE B 446 32.84 10.07 -13.18
CA ILE B 446 32.99 9.32 -11.93
C ILE B 446 32.93 7.79 -12.09
N SER B 447 32.92 7.33 -13.33
CA SER B 447 32.77 5.91 -13.60
C SER B 447 34.13 5.24 -13.79
N ARG B 448 34.16 3.93 -13.71
CA ARG B 448 35.36 3.13 -13.87
C ARG B 448 35.97 3.16 -15.28
N TYR B 449 35.18 3.54 -16.29
CA TYR B 449 35.73 3.83 -17.59
C TYR B 449 36.75 5.01 -17.53
N ARG B 450 36.60 5.84 -16.52
CA ARG B 450 37.41 7.05 -16.42
C ARG B 450 38.43 7.01 -15.31
N THR B 451 38.03 6.51 -14.16
CA THR B 451 38.87 6.52 -12.97
C THR B 451 39.87 5.37 -12.96
N GLU B 452 39.58 4.32 -13.75
CA GLU B 452 40.39 3.10 -13.78
C GLU B 452 41.19 2.97 -15.06
N ASP B 453 42.11 2.01 -15.01
CA ASP B 453 42.77 1.50 -16.21
C ASP B 453 42.28 0.09 -16.45
N ASN B 454 41.98 -0.19 -17.72
CA ASN B 454 41.69 -1.55 -18.16
C ASN B 454 40.38 -2.13 -17.60
N PHE B 455 39.45 -1.23 -17.23
CA PHE B 455 38.11 -1.66 -16.83
C PHE B 455 37.38 -2.15 -18.06
N VAL B 456 36.78 -3.32 -17.92
CA VAL B 456 35.94 -3.90 -18.97
C VAL B 456 34.67 -4.39 -18.23
N PRO B 457 33.46 -4.04 -18.76
CA PRO B 457 32.29 -4.44 -17.99
C PRO B 457 31.80 -5.87 -18.22
N PHE B 458 32.68 -6.77 -18.59
CA PHE B 458 32.34 -8.19 -18.67
C PHE B 458 33.61 -9.03 -18.71
N ALA B 459 33.48 -10.34 -18.45
CA ALA B 459 34.61 -11.28 -18.25
C ALA B 459 35.49 -11.57 -19.48
N MET B 460 34.89 -11.52 -20.68
CA MET B 460 35.52 -12.01 -21.94
C MET B 460 36.11 -13.41 -21.78
N GLY B 461 37.04 -13.77 -22.67
CA GLY B 461 37.90 -14.93 -22.41
C GLY B 461 37.50 -16.02 -23.31
N MET B 462 36.62 -15.74 -24.27
CA MET B 462 36.26 -16.77 -25.24
C MET B 462 36.13 -16.18 -26.64
N SER B 463 36.97 -15.21 -26.99
CA SER B 463 36.90 -14.70 -28.35
C SER B 463 38.20 -14.08 -28.82
N ASN B 464 38.40 -14.16 -30.13
CA ASN B 464 39.43 -13.40 -30.86
C ASN B 464 39.23 -11.88 -30.76
N TYR B 465 38.01 -11.43 -30.45
CA TYR B 465 37.80 -9.97 -30.37
C TYR B 465 38.24 -9.26 -29.12
N ASP B 466 38.69 -9.97 -28.10
CA ASP B 466 39.07 -9.35 -26.82
C ASP B 466 39.95 -8.14 -26.89
N ASP B 467 41.02 -8.25 -27.66
CA ASP B 467 41.99 -7.17 -27.69
C ASP B 467 41.32 -5.98 -28.31
N GLU B 468 40.58 -6.17 -29.39
CA GLU B 468 39.82 -5.04 -29.98
C GLU B 468 38.81 -4.42 -28.98
N ILE B 469 38.10 -5.27 -28.24
CA ILE B 469 37.22 -4.77 -27.16
C ILE B 469 37.98 -4.01 -26.10
N ARG B 470 39.13 -4.52 -25.68
CA ARG B 470 39.91 -3.82 -24.67
C ARG B 470 40.33 -2.41 -25.12
N GLU B 471 40.63 -2.21 -26.40
CA GLU B 471 41.05 -0.86 -26.77
C GLU B 471 39.87 0.06 -26.98
N VAL B 472 38.74 -0.48 -27.43
CA VAL B 472 37.53 0.32 -27.52
C VAL B 472 37.10 0.79 -26.13
N MET B 473 37.30 -0.05 -25.12
CA MET B 473 36.98 0.33 -23.74
C MET B 473 37.88 1.44 -23.24
N LYS B 474 39.14 1.41 -23.69
CA LYS B 474 40.08 2.48 -23.32
C LYS B 474 39.71 3.79 -24.00
N MET B 475 39.27 3.72 -25.25
CA MET B 475 38.80 4.94 -25.95
C MET B 475 37.62 5.59 -25.23
N THR B 476 36.76 4.76 -24.61
CA THR B 476 35.57 5.28 -23.97
C THR B 476 35.85 5.96 -22.64
N LYS B 477 37.14 6.03 -22.26
CA LYS B 477 37.57 7.01 -21.24
C LYS B 477 37.18 8.44 -21.63
N GLU B 478 37.29 8.79 -22.91
CA GLU B 478 37.02 10.16 -23.36
C GLU B 478 35.57 10.40 -23.76
N PHE B 479 34.98 9.43 -24.43
CA PHE B 479 33.68 9.64 -25.02
C PHE B 479 32.88 8.37 -24.84
N ARG B 480 31.63 8.54 -24.41
CA ARG B 480 30.75 7.40 -24.15
C ARG B 480 29.39 7.91 -23.79
N ARG B 481 28.40 7.51 -24.58
CA ARG B 481 27.06 8.00 -24.42
C ARG B 481 26.29 7.27 -23.31
N ASN B 482 26.70 6.04 -22.96
CA ASN B 482 25.84 5.07 -22.25
C ASN B 482 26.67 4.31 -21.24
N VAL B 483 26.14 4.10 -20.05
CA VAL B 483 26.92 3.37 -19.00
C VAL B 483 27.07 1.86 -19.34
N ALA B 484 26.10 1.31 -20.06
CA ALA B 484 26.14 -0.13 -20.40
C ALA B 484 25.18 -0.29 -21.53
N LEU B 485 25.26 -1.39 -22.32
CA LEU B 485 24.56 -1.33 -23.62
C LEU B 485 23.84 -2.59 -24.02
N LEU B 486 24.15 -3.66 -23.33
CA LEU B 486 23.80 -5.02 -23.83
C LEU B 486 23.05 -5.83 -22.85
N THR B 487 22.19 -6.73 -23.34
CA THR B 487 21.52 -7.61 -22.40
C THR B 487 21.06 -8.75 -23.26
N ILE B 488 20.48 -9.75 -22.68
CA ILE B 488 19.75 -10.72 -23.50
C ILE B 488 18.43 -10.97 -22.78
N ALA B 489 17.30 -10.60 -23.40
CA ALA B 489 16.05 -10.52 -22.70
C ALA B 489 15.29 -11.81 -23.08
N PRO B 490 14.13 -12.12 -22.42
CA PRO B 490 13.29 -13.25 -22.88
C PRO B 490 12.72 -13.06 -24.27
N THR B 491 12.46 -11.81 -24.65
CA THR B 491 11.78 -11.49 -25.94
C THR B 491 10.52 -12.39 -26.19
N GLY B 492 9.70 -12.56 -25.16
CA GLY B 492 8.53 -13.42 -25.22
C GLY B 492 7.51 -13.01 -26.26
N SER B 493 7.24 -11.70 -26.40
CA SER B 493 6.32 -11.23 -27.44
C SER B 493 7.00 -10.75 -28.73
N ILE B 494 8.09 -10.02 -28.63
CA ILE B 494 8.70 -9.47 -29.85
C ILE B 494 9.30 -10.52 -30.78
N SER B 495 9.72 -11.67 -30.23
CA SER B 495 10.20 -12.76 -31.09
C SER B 495 9.02 -13.39 -31.83
N ASN B 496 7.82 -13.38 -31.23
CA ASN B 496 6.62 -13.88 -31.97
C ASN B 496 6.27 -12.94 -33.13
N ILE B 497 6.34 -11.65 -32.87
CA ILE B 497 6.19 -10.61 -33.89
C ILE B 497 7.18 -10.76 -35.05
N ALA B 498 8.42 -11.12 -34.70
CA ALA B 498 9.49 -11.33 -35.67
C ALA B 498 9.52 -12.72 -36.30
N ASP B 499 8.61 -13.59 -35.87
CA ASP B 499 8.52 -14.98 -36.33
C ASP B 499 9.85 -15.66 -36.13
N THR B 500 10.37 -15.67 -34.90
CA THR B 500 11.73 -16.25 -34.69
C THR B 500 11.86 -16.78 -33.29
N SER B 501 12.97 -17.42 -32.96
CA SER B 501 13.19 -17.95 -31.59
C SER B 501 13.49 -16.85 -30.61
N SER B 502 13.28 -17.16 -29.33
CA SER B 502 13.24 -16.18 -28.29
C SER B 502 14.63 -15.99 -27.72
N GLY B 503 15.09 -14.75 -27.65
CA GLY B 503 16.40 -14.48 -27.05
C GLY B 503 17.40 -15.53 -27.47
N LEU B 504 18.13 -16.04 -26.47
CA LEU B 504 19.19 -17.00 -26.67
C LEU B 504 18.73 -18.43 -26.40
N GLU B 505 17.46 -18.61 -26.08
CA GLU B 505 16.95 -19.93 -25.67
C GLU B 505 16.88 -20.82 -26.83
N PRO B 506 17.05 -22.15 -26.62
CA PRO B 506 16.75 -23.05 -27.71
C PRO B 506 15.26 -23.06 -27.92
N ASN B 507 14.82 -23.63 -29.05
CA ASN B 507 13.39 -23.75 -29.24
C ASN B 507 12.91 -24.67 -28.16
N PHE B 508 11.76 -24.34 -27.57
CA PHE B 508 11.22 -25.23 -26.57
C PHE B 508 10.64 -26.45 -27.29
N LEU B 509 9.92 -26.20 -28.39
CA LEU B 509 9.37 -27.27 -29.20
C LEU B 509 9.43 -26.93 -30.70
N LEU B 510 9.50 -27.97 -31.54
CA LEU B 510 9.57 -27.80 -32.99
C LEU B 510 8.20 -27.73 -33.67
N ALA B 511 7.18 -28.17 -32.95
CA ALA B 511 5.82 -28.24 -33.45
C ALA B 511 4.92 -28.14 -32.21
N TYR B 512 3.98 -27.20 -32.22
CA TYR B 512 3.12 -26.94 -31.06
C TYR B 512 1.71 -26.39 -31.33
N THR B 513 1.20 -25.50 -30.46
CA THR B 513 -0.13 -24.82 -30.61
C THR B 513 -0.39 -23.75 -29.50
N ARG B 514 0.50 -22.76 -29.44
CA ARG B 514 0.45 -21.65 -28.47
C ARG B 514 -0.94 -20.98 -28.34
N PHE B 515 -1.26 -20.45 -27.16
CA PHE B 515 -2.52 -19.72 -26.94
C PHE B 515 -2.27 -18.27 -26.52
N TYR B 528 2.18 -25.27 -36.21
CA TYR B 528 3.16 -24.26 -35.81
C TYR B 528 4.60 -24.77 -35.98
N VAL B 529 4.79 -25.76 -36.89
CA VAL B 529 6.10 -26.40 -37.20
C VAL B 529 7.22 -25.43 -37.57
N ASN B 530 8.31 -25.46 -36.80
CA ASN B 530 9.46 -24.60 -37.03
C ASN B 530 9.79 -24.43 -38.52
N GLN B 531 10.06 -23.19 -38.93
CA GLN B 531 10.20 -22.83 -40.35
C GLN B 531 11.52 -23.33 -40.95
N VAL B 532 12.57 -23.34 -40.14
CA VAL B 532 13.86 -23.87 -40.55
C VAL B 532 13.82 -25.38 -40.69
N LEU B 533 13.14 -26.05 -39.78
CA LEU B 533 12.95 -27.49 -39.91
C LEU B 533 12.12 -27.83 -41.15
N ARG B 534 11.10 -27.03 -41.42
CA ARG B 534 10.23 -27.27 -42.54
C ARG B 534 11.00 -27.17 -43.88
N GLU B 535 12.07 -26.38 -43.89
CA GLU B 535 12.95 -26.27 -45.07
C GLU B 535 14.00 -27.38 -45.16
N LYS B 536 14.63 -27.77 -44.05
CA LYS B 536 15.67 -28.81 -44.10
C LYS B 536 15.15 -30.23 -44.11
N LEU B 537 13.90 -30.44 -43.69
CA LEU B 537 13.39 -31.80 -43.61
C LEU B 537 12.63 -32.13 -44.87
N ASN B 538 12.92 -33.28 -45.45
CA ASN B 538 12.23 -33.69 -46.67
C ASN B 538 10.76 -33.73 -46.34
N PRO B 539 9.92 -33.07 -47.15
CA PRO B 539 8.51 -33.32 -46.88
C PRO B 539 8.32 -34.83 -47.07
N GLU B 540 7.22 -35.37 -46.54
CA GLU B 540 6.99 -36.83 -46.54
C GLU B 540 7.67 -37.53 -45.39
N ILE B 541 8.95 -37.26 -45.17
CA ILE B 541 9.56 -37.59 -43.88
C ILE B 541 8.91 -36.68 -42.84
N LEU B 542 8.66 -35.44 -43.23
CA LEU B 542 7.98 -34.46 -42.39
C LEU B 542 6.55 -34.88 -42.12
N LYS B 543 5.77 -35.06 -43.20
CA LYS B 543 4.33 -35.27 -43.05
C LYS B 543 4.00 -36.53 -42.26
N ARG B 544 4.83 -37.55 -42.41
CA ARG B 544 4.75 -38.75 -41.58
C ARG B 544 4.87 -38.39 -40.12
N ILE B 545 6.04 -37.86 -39.74
CA ILE B 545 6.46 -37.76 -38.34
C ILE B 545 5.83 -36.62 -37.54
N GLU B 546 5.32 -35.60 -38.23
CA GLU B 546 4.77 -34.40 -37.56
C GLU B 546 3.74 -34.77 -36.50
N LYS B 547 3.26 -36.01 -36.60
CA LYS B 547 2.29 -36.58 -35.66
C LYS B 547 2.97 -36.88 -34.33
N GLU B 548 3.89 -37.85 -34.35
CA GLU B 548 4.57 -38.25 -33.14
C GLU B 548 5.67 -37.25 -32.70
N LEU B 549 5.89 -36.20 -33.48
CA LEU B 549 6.77 -35.10 -33.04
C LEU B 549 6.02 -34.30 -32.00
N ILE B 550 4.72 -34.11 -32.22
CA ILE B 550 3.91 -33.25 -31.36
C ILE B 550 3.71 -33.86 -29.98
N GLU B 551 3.37 -35.15 -29.97
CA GLU B 551 3.45 -36.01 -28.78
C GLU B 551 4.89 -36.45 -28.69
N LYS B 552 5.47 -36.58 -27.50
CA LYS B 552 6.92 -36.86 -27.39
C LYS B 552 7.74 -35.57 -27.33
N GLY B 553 7.41 -34.60 -28.19
CA GLY B 553 7.98 -33.25 -28.16
C GLY B 553 9.46 -33.11 -28.50
N SER B 554 10.00 -34.12 -29.18
CA SER B 554 11.39 -34.13 -29.61
C SER B 554 11.53 -35.04 -30.82
N LEU B 555 12.61 -34.88 -31.60
CA LEU B 555 12.92 -35.80 -32.71
C LEU B 555 13.73 -37.00 -32.23
N LYS B 556 14.49 -36.76 -31.17
CA LYS B 556 15.36 -37.76 -30.54
C LYS B 556 14.94 -39.23 -30.74
N ASP B 557 13.69 -39.56 -30.39
CA ASP B 557 13.25 -40.96 -30.38
C ASP B 557 12.27 -41.31 -31.48
N ILE B 558 12.29 -40.50 -32.53
CA ILE B 558 11.58 -40.81 -33.76
C ILE B 558 12.59 -41.47 -34.71
N PRO B 559 12.46 -42.81 -34.90
CA PRO B 559 13.41 -43.47 -35.81
C PRO B 559 13.00 -43.20 -37.27
N ASP B 560 13.99 -43.31 -38.14
CA ASP B 560 13.82 -43.02 -39.58
C ASP B 560 13.59 -41.53 -39.77
N VAL B 561 14.25 -40.73 -38.92
CA VAL B 561 14.72 -39.36 -39.27
C VAL B 561 16.26 -39.32 -39.12
N PRO B 562 16.97 -38.76 -40.12
CA PRO B 562 18.43 -38.82 -40.18
C PRO B 562 19.09 -38.27 -38.93
N GLU B 563 20.17 -38.91 -38.51
CA GLU B 563 20.99 -38.50 -37.36
C GLU B 563 21.42 -37.03 -37.41
N LYS B 564 21.58 -36.49 -38.61
CA LYS B 564 22.05 -35.11 -38.79
C LYS B 564 20.97 -34.07 -38.44
N ILE B 565 19.73 -34.32 -38.89
CA ILE B 565 18.58 -33.54 -38.50
C ILE B 565 18.36 -33.65 -36.97
N LYS B 566 18.45 -34.86 -36.42
CA LYS B 566 18.27 -35.10 -34.99
C LYS B 566 19.21 -34.26 -34.15
N LYS B 567 20.48 -34.28 -34.49
CA LYS B 567 21.48 -33.56 -33.68
C LYS B 567 21.45 -32.04 -33.77
N VAL B 568 21.04 -31.52 -34.91
CA VAL B 568 20.96 -30.08 -35.06
C VAL B 568 19.63 -29.56 -34.50
N PHE B 569 18.55 -30.28 -34.78
CA PHE B 569 17.21 -29.80 -34.47
C PHE B 569 16.77 -30.20 -33.07
N VAL B 570 17.66 -29.97 -32.12
CA VAL B 570 17.41 -30.08 -30.67
C VAL B 570 16.49 -29.00 -30.07
N VAL B 571 15.72 -29.43 -29.08
CA VAL B 571 14.82 -28.57 -28.32
C VAL B 571 15.31 -28.47 -26.91
N ALA B 572 14.67 -27.61 -26.12
CA ALA B 572 15.20 -27.27 -24.79
C ALA B 572 15.48 -28.50 -23.91
N LEU B 573 14.59 -29.49 -23.94
CA LEU B 573 14.76 -30.68 -23.08
C LEU B 573 15.60 -31.79 -23.67
N ASP B 574 16.04 -31.63 -24.92
CA ASP B 574 17.17 -32.39 -25.46
C ASP B 574 18.51 -31.93 -24.90
N ILE B 575 18.56 -30.74 -24.33
CA ILE B 575 19.82 -30.12 -23.93
C ILE B 575 19.92 -30.25 -22.44
N ASP B 576 20.99 -30.86 -21.97
CA ASP B 576 21.12 -31.11 -20.56
C ASP B 576 21.41 -29.84 -19.76
N PRO B 577 21.09 -29.83 -18.44
CA PRO B 577 21.24 -28.60 -17.63
C PRO B 577 22.60 -27.94 -17.75
N MET B 578 23.67 -28.73 -17.81
CA MET B 578 25.02 -28.11 -17.94
C MET B 578 25.25 -27.32 -19.25
N ASP B 579 24.71 -27.83 -20.34
CA ASP B 579 24.85 -27.19 -21.65
C ASP B 579 24.01 -25.91 -21.75
N HIS B 580 22.91 -25.87 -21.02
CA HIS B 580 22.10 -24.68 -20.86
C HIS B 580 22.96 -23.65 -20.14
N LEU B 581 23.61 -24.08 -19.06
CA LEU B 581 24.35 -23.12 -18.22
C LEU B 581 25.59 -22.61 -18.91
N LEU B 582 26.27 -23.51 -19.64
CA LEU B 582 27.47 -23.10 -20.37
C LEU B 582 27.13 -22.21 -21.56
N MET B 583 25.97 -22.38 -22.14
CA MET B 583 25.56 -21.38 -23.17
C MET B 583 25.39 -20.00 -22.52
N GLN B 584 24.70 -19.93 -21.37
CA GLN B 584 24.55 -18.65 -20.63
C GLN B 584 25.89 -18.00 -20.26
N ASP B 585 26.84 -18.83 -19.84
CA ASP B 585 28.16 -18.31 -19.50
C ASP B 585 28.86 -17.66 -20.71
N ALA B 586 28.72 -18.28 -21.87
CA ALA B 586 29.42 -17.88 -23.09
C ALA B 586 28.87 -16.58 -23.54
N PHE B 587 27.56 -16.41 -23.40
CA PHE B 587 27.01 -15.12 -23.79
C PHE B 587 27.35 -14.11 -22.73
N GLN B 588 27.29 -14.48 -21.45
CA GLN B 588 27.49 -13.48 -20.39
C GLN B 588 28.89 -12.88 -20.37
N ARG B 589 29.86 -13.59 -20.95
CA ARG B 589 31.23 -13.08 -21.01
C ARG B 589 31.37 -11.75 -21.76
N TYR B 590 30.42 -11.48 -22.64
CA TYR B 590 30.40 -10.31 -23.53
C TYR B 590 29.09 -9.49 -23.44
N VAL B 591 28.46 -9.48 -22.26
CA VAL B 591 27.22 -8.74 -22.06
C VAL B 591 27.47 -7.95 -20.78
N ASP B 592 27.24 -6.64 -20.85
CA ASP B 592 27.50 -5.81 -19.69
C ASP B 592 26.41 -5.72 -18.60
N ASN B 593 25.16 -6.03 -18.98
CA ASN B 593 24.06 -6.14 -18.04
C ASN B 593 23.95 -7.60 -17.79
N ASN B 594 22.75 -8.17 -17.76
CA ASN B 594 22.66 -9.58 -17.40
C ASN B 594 21.99 -10.33 -18.50
N ILE B 595 21.61 -11.56 -18.20
CA ILE B 595 21.00 -12.43 -19.22
C ILE B 595 19.79 -13.17 -18.67
N SER B 596 18.71 -13.22 -19.45
CA SER B 596 17.58 -14.05 -19.06
C SER B 596 17.80 -15.39 -19.69
N LYS B 597 17.97 -16.43 -18.88
CA LYS B 597 18.16 -17.82 -19.37
C LYS B 597 17.50 -18.82 -18.41
N THR B 598 16.63 -19.72 -18.88
CA THR B 598 16.07 -20.75 -17.96
C THR B 598 16.95 -22.00 -18.05
N ILE B 599 17.36 -22.58 -16.92
CA ILE B 599 18.06 -23.85 -16.98
C ILE B 599 17.01 -24.94 -16.85
N ASN B 600 16.55 -25.42 -18.00
CA ASN B 600 15.60 -26.49 -18.07
C ASN B 600 16.19 -27.77 -17.52
N MET B 601 15.42 -28.48 -16.69
CA MET B 601 15.85 -29.77 -16.20
C MET B 601 14.87 -30.89 -16.48
N PRO B 602 15.40 -32.08 -16.71
CA PRO B 602 14.46 -33.16 -17.00
C PRO B 602 13.61 -33.50 -15.75
N GLN B 603 12.43 -34.10 -15.95
CA GLN B 603 11.57 -34.43 -14.81
C GLN B 603 12.23 -35.36 -13.78
N SER B 604 13.15 -36.19 -14.26
CA SER B 604 13.84 -37.13 -13.38
C SER B 604 14.99 -36.53 -12.58
N ALA B 605 15.30 -35.25 -12.81
CA ALA B 605 16.34 -34.56 -12.06
C ALA B 605 16.06 -34.52 -10.54
N THR B 606 17.10 -34.64 -9.73
CA THR B 606 16.96 -34.71 -8.29
C THR B 606 17.42 -33.38 -7.74
N VAL B 607 17.24 -33.17 -6.43
CA VAL B 607 17.63 -31.90 -5.77
C VAL B 607 19.13 -31.72 -5.84
N ASP B 608 19.86 -32.84 -5.80
CA ASP B 608 21.31 -32.82 -5.97
C ASP B 608 21.75 -32.34 -7.32
N ASP B 609 21.05 -32.74 -8.36
CA ASP B 609 21.24 -32.17 -9.69
C ASP B 609 21.12 -30.63 -9.71
N VAL B 610 20.09 -30.11 -9.06
CA VAL B 610 19.90 -28.67 -8.90
C VAL B 610 21.07 -28.02 -8.14
N LEU B 611 21.47 -28.53 -6.99
CA LEU B 611 22.65 -28.00 -6.32
C LEU B 611 23.89 -27.98 -7.22
N ASN B 612 24.10 -29.04 -7.99
CA ASN B 612 25.22 -29.10 -8.92
C ASN B 612 25.22 -28.02 -9.97
N VAL B 613 24.01 -27.66 -10.44
CA VAL B 613 23.81 -26.44 -11.28
C VAL B 613 24.24 -25.18 -10.55
N TYR B 614 23.88 -25.08 -9.27
CA TYR B 614 24.26 -23.88 -8.51
C TYR B 614 25.75 -23.72 -8.33
N LEU B 615 26.39 -24.83 -8.02
CA LEU B 615 27.85 -24.88 -7.86
C LEU B 615 28.56 -24.60 -9.19
N GLU B 616 28.14 -25.24 -10.26
CA GLU B 616 28.72 -24.86 -11.55
C GLU B 616 28.47 -23.39 -11.88
N ALA B 617 27.33 -22.86 -11.47
CA ALA B 617 26.99 -21.48 -11.77
C ALA B 617 27.94 -20.55 -11.04
N LEU B 618 28.32 -20.96 -9.83
CA LEU B 618 29.21 -20.14 -8.99
C LEU B 618 30.64 -19.99 -9.56
N ARG B 619 31.07 -20.98 -10.30
CA ARG B 619 32.37 -21.01 -10.98
C ARG B 619 32.39 -20.34 -12.35
N THR B 620 31.22 -20.20 -12.97
CA THR B 620 31.15 -19.62 -14.33
C THR B 620 30.99 -18.13 -14.18
N ASN B 621 30.77 -17.46 -15.31
CA ASN B 621 30.62 -16.01 -15.24
C ASN B 621 29.14 -15.55 -15.18
N VAL B 622 28.21 -16.48 -15.02
CA VAL B 622 26.79 -16.11 -14.98
C VAL B 622 26.47 -15.21 -13.78
N ARG B 623 25.50 -14.29 -13.97
CA ARG B 623 25.18 -13.26 -12.98
C ARG B 623 23.86 -13.63 -12.26
N GLY B 624 23.20 -14.73 -12.66
CA GLY B 624 22.05 -15.19 -11.88
C GLY B 624 21.65 -16.52 -12.47
N ILE B 625 20.72 -17.20 -11.83
CA ILE B 625 20.28 -18.54 -12.23
C ILE B 625 18.76 -18.62 -12.05
N THR B 626 18.08 -19.22 -13.05
CA THR B 626 16.72 -19.61 -12.96
C THR B 626 16.71 -21.07 -13.39
N VAL B 627 16.16 -21.98 -12.58
CA VAL B 627 15.97 -23.36 -13.00
C VAL B 627 14.50 -23.68 -13.15
N TYR B 628 14.19 -24.52 -14.14
CA TYR B 628 12.88 -25.07 -14.22
C TYR B 628 12.89 -26.54 -14.57
N ARG B 629 12.39 -27.37 -13.64
CA ARG B 629 12.27 -28.81 -13.85
C ARG B 629 10.97 -29.14 -14.54
N ASP B 630 11.08 -29.81 -15.68
CA ASP B 630 9.98 -30.22 -16.50
C ASP B 630 9.00 -31.00 -15.61
N GLY B 631 7.71 -30.74 -15.77
CA GLY B 631 6.66 -31.42 -15.00
C GLY B 631 6.52 -30.99 -13.55
N SER B 632 7.36 -30.09 -13.07
CA SER B 632 7.35 -29.75 -11.66
C SER B 632 6.05 -29.02 -11.30
N LEU B 633 5.59 -28.12 -12.17
CA LEU B 633 4.33 -27.42 -11.93
C LEU B 633 3.22 -28.01 -12.81
#